data_4HT2
#
_entry.id   4HT2
#
_cell.length_a   46.709
_cell.length_b   67.261
_cell.length_c   80.689
_cell.angle_alpha   81.78
_cell.angle_beta   84.01
_cell.angle_gamma   86.48
#
_symmetry.space_group_name_H-M   'P 1'
#
loop_
_entity.id
_entity.type
_entity.pdbx_description
1 polymer 'Carbonic anhydrase 12'
2 non-polymer 'ZINC ION'
3 non-polymer 4-[(4,6-dimethylpyrimidin-2-yl)thio]-2,3,5,6-tetrafluorobenzenesulfonamide
4 non-polymer DI(HYDROXYETHYL)ETHER
5 non-polymer 1,2-ETHANEDIOL
6 water water
#
_entity_poly.entity_id   1
_entity_poly.type   'polypeptide(L)'
_entity_poly.pdbx_seq_one_letter_code
;MSKWTYFGPDGENSWSKKYPSCGGLLQSPIDLHSDILQYDASLTPLEFQGYNLSANKQFLLTNNGHSVKLNLPSDMHIQG
LQSRYSATQLHLHWGNPNDPHGSEHTVSGQHFAAELHIVHYNSDLYPDASTASNKSEGLAVLAVLIEMGSFNPSYDKIFS
HLQHVKYKGQEAFVPGFNIEELLPERTAEYYRYRGSLTTPPCNPTVLWTVFRNPVQISQEQLLALETALYCTHMDDPSPR
EMINNFRQVQKFDERLVYTSFSQ
;
_entity_poly.pdbx_strand_id   A,B,C,D
#
loop_
_chem_comp.id
_chem_comp.type
_chem_comp.name
_chem_comp.formula
EDO non-polymer 1,2-ETHANEDIOL 'C2 H6 O2'
PEG non-polymer DI(HYDROXYETHYL)ETHER 'C4 H10 O3'
V50 non-polymer 4-[(4,6-dimethylpyrimidin-2-yl)thio]-2,3,5,6-tetrafluorobenzenesulfonamide 'C12 H9 F4 N3 O2 S2'
ZN non-polymer 'ZINC ION' 'Zn 2'
#
# COMPACT_ATOMS: atom_id res chain seq x y z
N LYS A 3 22.31 -8.01 5.63
CA LYS A 3 22.49 -7.32 4.27
C LYS A 3 22.01 -5.86 4.53
N TRP A 4 22.73 -4.89 3.97
CA TRP A 4 22.17 -3.53 4.06
C TRP A 4 22.38 -2.78 2.74
N THR A 5 21.53 -1.79 2.51
CA THR A 5 21.56 -1.03 1.28
C THR A 5 21.24 0.46 1.56
N TYR A 6 21.08 1.28 0.53
CA TYR A 6 20.62 2.63 0.66
C TYR A 6 19.21 2.87 0.16
N PHE A 7 18.52 1.76 -0.23
CA PHE A 7 17.24 1.94 -0.93
C PHE A 7 16.39 0.68 -0.74
N GLY A 8 15.18 0.94 -0.25
CA GLY A 8 14.22 -0.17 -0.04
C GLY A 8 14.23 -0.77 1.36
N PRO A 9 13.72 -2.00 1.57
CA PRO A 9 13.52 -2.51 2.95
C PRO A 9 14.79 -2.61 3.74
N ASP A 10 15.99 -2.70 3.10
CA ASP A 10 17.20 -2.82 3.88
C ASP A 10 17.95 -1.44 3.96
N GLY A 11 17.21 -0.39 3.59
CA GLY A 11 17.75 0.99 3.58
C GLY A 11 17.90 1.60 4.98
N GLU A 12 18.32 2.87 4.99
CA GLU A 12 18.90 3.35 6.25
C GLU A 12 17.93 3.48 7.44
N ASN A 13 16.61 3.63 7.18
CA ASN A 13 15.70 3.67 8.36
C ASN A 13 15.55 2.29 9.01
N SER A 14 16.05 1.26 8.33
CA SER A 14 16.02 -0.15 8.86
C SER A 14 17.34 -0.63 9.29
N TRP A 15 18.44 0.15 9.18
CA TRP A 15 19.76 -0.38 9.59
C TRP A 15 19.74 -0.74 11.07
N SER A 16 19.04 0.01 11.90
CA SER A 16 19.03 -0.26 13.39
C SER A 16 18.51 -1.66 13.67
N LYS A 17 17.73 -2.28 12.79
CA LYS A 17 17.28 -3.67 13.06
C LYS A 17 18.45 -4.65 13.04
N LYS A 18 19.35 -4.60 12.07
CA LYS A 18 20.48 -5.53 12.12
C LYS A 18 21.66 -4.99 12.84
N TYR A 19 21.78 -3.62 13.03
CA TYR A 19 23.01 -3.01 13.57
C TYR A 19 22.60 -2.03 14.65
N PRO A 20 22.52 -2.45 15.88
CA PRO A 20 21.91 -1.58 16.84
C PRO A 20 22.56 -0.20 17.02
N SER A 21 23.86 -0.10 16.80
CA SER A 21 24.48 1.22 16.98
C SER A 21 23.88 2.25 15.97
N CYS A 22 23.30 1.81 14.85
CA CYS A 22 22.68 2.78 13.91
C CYS A 22 21.54 3.52 14.47
N GLY A 23 20.90 3.02 15.58
CA GLY A 23 19.90 3.77 16.31
C GLY A 23 20.44 4.37 17.61
N GLY A 24 21.73 4.32 17.82
CA GLY A 24 22.28 4.82 19.04
C GLY A 24 22.71 6.29 18.99
N LEU A 25 23.64 6.57 19.91
CA LEU A 25 24.09 7.91 20.03
C LEU A 25 25.20 8.26 19.04
N LEU A 26 25.53 9.57 19.00
CA LEU A 26 26.78 10.10 18.29
C LEU A 26 26.79 9.78 16.75
N GLN A 27 25.63 9.69 16.17
CA GLN A 27 25.62 9.25 14.74
C GLN A 27 26.00 10.42 13.77
N SER A 28 26.67 9.96 12.71
CA SER A 28 27.08 10.79 11.58
C SER A 28 26.35 10.32 10.33
N PRO A 29 26.30 11.16 9.24
CA PRO A 29 26.86 12.51 9.12
C PRO A 29 25.84 13.54 9.68
N ILE A 30 26.28 14.80 9.65
CA ILE A 30 25.50 15.93 10.26
C ILE A 30 25.57 17.10 9.29
N ASP A 31 24.61 18.05 9.52
CA ASP A 31 24.69 19.38 8.82
C ASP A 31 25.53 20.33 9.71
N LEU A 32 26.52 20.91 9.02
CA LEU A 32 27.45 21.80 9.71
C LEU A 32 26.91 23.19 9.52
N HIS A 33 26.37 23.82 10.58
CA HIS A 33 25.68 25.08 10.43
C HIS A 33 26.00 25.91 11.69
N SER A 34 25.77 27.25 11.55
N SER A 34 25.89 27.27 11.62
CA SER A 34 26.29 28.21 12.53
CA SER A 34 26.42 28.16 12.74
C SER A 34 25.92 27.92 13.98
C SER A 34 25.97 27.76 14.13
N ASP A 35 24.68 27.45 14.23
CA ASP A 35 24.16 27.29 15.59
C ASP A 35 24.89 26.25 16.38
N ILE A 36 25.63 25.44 15.65
N ILE A 36 25.55 25.26 15.71
CA ILE A 36 26.18 24.32 16.23
CA ILE A 36 26.29 24.21 16.39
C ILE A 36 27.73 24.31 16.13
C ILE A 36 27.83 24.34 16.27
N LEU A 37 28.28 25.41 15.60
CA LEU A 37 29.77 25.58 15.39
C LEU A 37 30.44 26.37 16.48
N GLN A 38 31.66 26.01 16.85
CA GLN A 38 32.40 26.97 17.70
C GLN A 38 33.89 26.87 17.29
N TYR A 39 34.50 28.07 17.11
CA TYR A 39 35.95 28.12 16.89
C TYR A 39 36.76 27.63 18.11
N ASP A 40 37.69 26.70 17.86
CA ASP A 40 38.65 26.23 18.85
C ASP A 40 40.06 26.45 18.33
N ALA A 41 40.69 27.48 18.92
CA ALA A 41 42.00 27.91 18.48
C ALA A 41 43.07 26.89 18.79
N SER A 42 42.80 25.89 19.63
N SER A 42 42.79 25.90 19.63
CA SER A 42 43.84 24.84 19.91
CA SER A 42 43.79 24.83 19.91
C SER A 42 43.84 23.71 18.83
C SER A 42 44.01 23.91 18.68
N LEU A 43 42.97 23.83 17.83
CA LEU A 43 42.99 22.83 16.68
C LEU A 43 44.12 23.18 15.69
N THR A 44 45.14 22.34 15.64
CA THR A 44 46.34 22.61 14.86
C THR A 44 46.31 21.79 13.55
N PRO A 45 47.16 22.10 12.60
CA PRO A 45 47.16 21.37 11.32
C PRO A 45 47.52 19.91 11.58
N LEU A 46 46.80 19.02 10.93
CA LEU A 46 47.27 17.65 10.88
C LEU A 46 48.53 17.55 9.96
N GLU A 47 49.38 16.57 10.25
CA GLU A 47 50.43 16.30 9.22
C GLU A 47 50.16 14.92 8.61
N PHE A 48 50.33 14.88 7.33
CA PHE A 48 49.97 13.73 6.50
C PHE A 48 51.25 13.09 6.09
N GLN A 49 51.56 11.96 6.74
CA GLN A 49 52.83 11.26 6.53
C GLN A 49 52.69 9.98 5.79
N GLY A 50 53.64 9.81 4.83
CA GLY A 50 53.58 8.63 3.96
C GLY A 50 52.42 8.62 2.96
N TYR A 51 51.85 9.81 2.75
CA TYR A 51 50.70 9.87 1.81
C TYR A 51 51.20 9.83 0.32
N ASN A 52 52.48 10.16 0.09
CA ASN A 52 53.08 10.12 -1.29
C ASN A 52 53.44 8.66 -1.58
N LEU A 53 52.45 7.91 -1.98
CA LEU A 53 52.53 6.42 -2.06
C LEU A 53 53.54 6.08 -3.24
N SER A 54 54.31 5.01 -3.03
CA SER A 54 55.27 4.65 -4.08
C SER A 54 54.58 4.38 -5.40
N ALA A 55 55.13 5.01 -6.43
CA ALA A 55 54.67 4.72 -7.77
C ALA A 55 55.05 3.31 -8.28
N ASN A 56 56.05 2.71 -7.58
CA ASN A 56 56.45 1.35 -7.90
C ASN A 56 55.70 0.30 -7.16
N LYS A 57 54.72 0.68 -6.36
CA LYS A 57 53.83 -0.19 -5.62
C LYS A 57 52.38 -0.12 -6.20
N GLN A 58 51.58 -1.16 -6.05
CA GLN A 58 50.18 -1.10 -6.51
C GLN A 58 49.30 -1.25 -5.33
N PHE A 59 48.12 -0.59 -5.42
CA PHE A 59 47.12 -0.67 -4.34
C PHE A 59 45.84 -1.17 -4.84
N LEU A 60 45.14 -2.00 -4.06
CA LEU A 60 43.98 -2.71 -4.55
C LEU A 60 42.72 -1.78 -4.54
N LEU A 61 42.04 -1.64 -5.65
CA LEU A 61 40.77 -0.97 -5.76
C LEU A 61 39.65 -1.99 -5.86
N THR A 62 38.61 -1.93 -5.03
CA THR A 62 37.58 -2.95 -5.04
C THR A 62 36.20 -2.33 -5.05
N ASN A 63 35.27 -2.91 -5.81
CA ASN A 63 33.86 -2.64 -5.69
C ASN A 63 33.33 -3.58 -4.67
N ASN A 64 32.94 -3.14 -3.49
CA ASN A 64 32.54 -4.03 -2.45
C ASN A 64 31.02 -4.17 -2.31
N GLY A 65 30.30 -3.62 -3.30
CA GLY A 65 28.83 -3.72 -3.22
C GLY A 65 28.15 -2.48 -2.61
N HIS A 66 28.96 -1.67 -1.89
CA HIS A 66 28.46 -0.47 -1.21
C HIS A 66 29.18 0.81 -1.66
N SER A 67 30.43 0.72 -2.05
CA SER A 67 31.19 1.84 -2.60
C SER A 67 32.37 1.29 -3.48
N VAL A 68 33.24 2.21 -3.93
CA VAL A 68 34.53 1.80 -4.56
C VAL A 68 35.58 2.17 -3.46
N LYS A 69 36.44 1.21 -3.09
CA LYS A 69 37.40 1.41 -2.03
C LYS A 69 38.84 1.17 -2.49
N LEU A 70 39.76 2.00 -2.08
CA LEU A 70 41.22 1.84 -2.39
C LEU A 70 41.90 1.46 -1.08
N ASN A 71 42.55 0.29 -1.03
CA ASN A 71 43.31 -0.05 0.18
C ASN A 71 44.56 0.81 0.30
N LEU A 72 44.86 1.15 1.58
CA LEU A 72 45.99 2.09 1.81
C LEU A 72 46.93 1.31 2.80
N PRO A 73 48.22 1.74 2.79
CA PRO A 73 49.23 1.00 3.61
C PRO A 73 49.36 1.56 5.01
N SER A 74 49.97 0.69 5.86
CA SER A 74 50.05 1.02 7.28
C SER A 74 51.03 2.16 7.57
N ASP A 75 51.96 2.40 6.67
CA ASP A 75 52.93 3.46 6.90
C ASP A 75 52.39 4.85 6.61
N MET A 76 51.14 4.94 6.07
CA MET A 76 50.54 6.21 5.89
C MET A 76 49.83 6.61 7.19
N HIS A 77 49.97 7.81 7.66
N HIS A 77 50.16 7.78 7.72
CA HIS A 77 49.24 8.10 8.90
CA HIS A 77 49.68 8.19 9.08
C HIS A 77 49.04 9.55 8.99
C HIS A 77 49.22 9.63 9.18
N ILE A 78 48.29 9.97 10.01
N ILE A 78 48.29 9.88 10.12
CA ILE A 78 48.24 11.37 10.37
CA ILE A 78 48.04 11.27 10.58
C ILE A 78 48.84 11.53 11.77
C ILE A 78 48.79 11.53 11.88
N GLN A 79 49.54 12.66 11.92
CA GLN A 79 50.15 13.06 13.13
C GLN A 79 49.45 14.36 13.56
N GLY A 80 49.35 14.49 14.86
CA GLY A 80 48.74 15.66 15.51
C GLY A 80 47.71 15.42 16.54
N LEU A 81 47.06 14.24 16.52
CA LEU A 81 46.07 13.84 17.53
C LEU A 81 46.84 13.26 18.75
N GLN A 82 46.15 12.94 19.84
CA GLN A 82 46.81 12.32 21.07
C GLN A 82 47.63 11.07 20.75
N SER A 83 47.08 10.26 19.80
CA SER A 83 47.72 9.08 19.26
C SER A 83 47.96 9.25 17.79
N ARG A 84 48.89 8.50 17.25
CA ARG A 84 49.10 8.35 15.78
C ARG A 84 47.96 7.48 15.27
N TYR A 85 47.35 7.91 14.12
CA TYR A 85 46.34 7.11 13.45
C TYR A 85 46.89 6.64 12.04
N SER A 86 46.76 5.38 11.73
CA SER A 86 47.35 4.82 10.48
C SER A 86 46.19 4.55 9.49
N ALA A 87 46.49 4.81 8.21
CA ALA A 87 45.39 4.66 7.19
C ALA A 87 45.09 3.19 6.96
N THR A 88 43.86 2.93 6.53
N THR A 88 43.84 2.90 6.58
CA THR A 88 43.47 1.59 6.16
CA THR A 88 43.51 1.58 6.08
C THR A 88 42.81 1.53 4.77
C THR A 88 42.95 1.64 4.67
N GLN A 89 42.07 2.60 4.35
CA GLN A 89 41.40 2.56 3.04
C GLN A 89 40.79 3.95 2.83
N LEU A 90 40.49 4.23 1.55
CA LEU A 90 39.62 5.42 1.22
C LEU A 90 38.49 4.89 0.38
N HIS A 91 37.39 5.67 0.33
CA HIS A 91 36.24 5.31 -0.54
C HIS A 91 35.38 6.58 -0.68
N LEU A 92 34.29 6.47 -1.48
CA LEU A 92 33.45 7.66 -1.81
C LEU A 92 31.97 7.39 -1.59
N HIS A 93 31.24 8.51 -1.54
CA HIS A 93 29.74 8.50 -1.47
C HIS A 93 29.24 9.54 -2.50
N TRP A 94 28.15 9.22 -3.18
CA TRP A 94 27.66 10.12 -4.26
C TRP A 94 26.17 9.88 -4.47
N GLY A 95 25.61 10.72 -5.36
CA GLY A 95 24.18 10.69 -5.66
C GLY A 95 23.79 9.96 -6.92
N ASN A 96 23.16 10.75 -7.80
CA ASN A 96 22.78 10.15 -9.10
C ASN A 96 22.59 11.28 -10.13
N PRO A 97 22.55 10.88 -11.44
CA PRO A 97 22.58 11.97 -12.45
C PRO A 97 21.42 12.88 -12.47
N ASN A 98 20.29 12.41 -11.98
CA ASN A 98 19.07 13.32 -11.94
C ASN A 98 19.06 14.25 -10.70
N ASP A 99 19.91 13.95 -9.73
CA ASP A 99 20.00 14.83 -8.55
C ASP A 99 21.37 14.59 -7.99
N PRO A 100 22.37 15.30 -8.57
CA PRO A 100 23.81 14.97 -8.33
C PRO A 100 24.39 15.67 -7.09
N HIS A 101 23.76 15.32 -5.97
CA HIS A 101 24.03 15.92 -4.62
C HIS A 101 24.04 14.73 -3.65
N GLY A 102 25.20 14.15 -3.49
CA GLY A 102 25.29 12.99 -2.65
C GLY A 102 26.46 12.99 -1.71
N SER A 103 26.89 14.18 -1.29
CA SER A 103 27.80 14.12 -0.07
C SER A 103 27.04 13.61 1.18
N GLU A 104 27.79 13.31 2.22
CA GLU A 104 27.18 12.89 3.46
C GLU A 104 27.02 14.05 4.38
N HIS A 105 28.11 14.73 4.66
CA HIS A 105 27.99 15.99 5.41
C HIS A 105 27.40 17.09 4.50
N THR A 106 26.64 17.99 5.13
CA THR A 106 26.19 19.18 4.40
C THR A 106 26.71 20.41 5.20
N VAL A 107 26.78 21.51 4.47
CA VAL A 107 27.22 22.78 5.08
C VAL A 107 26.12 23.83 4.91
N SER A 108 25.55 24.31 6.02
CA SER A 108 24.37 25.28 5.95
C SER A 108 23.29 24.79 4.99
N GLY A 109 23.02 23.45 5.16
CA GLY A 109 21.93 22.78 4.40
C GLY A 109 22.32 22.34 2.98
N GLN A 110 23.46 22.59 2.48
N GLN A 110 23.47 22.89 2.51
CA GLN A 110 23.61 22.23 1.10
CA GLN A 110 24.15 22.65 1.16
C GLN A 110 24.42 21.00 1.03
C GLN A 110 24.69 21.21 1.05
N HIS A 111 23.87 20.03 0.34
N HIS A 111 24.25 20.52 0.01
CA HIS A 111 24.76 19.00 -0.11
CA HIS A 111 24.59 19.11 -0.19
C HIS A 111 25.78 19.51 -1.13
C HIS A 111 25.53 19.12 -1.38
N PHE A 112 26.85 18.75 -1.18
CA PHE A 112 27.84 18.78 -2.29
C PHE A 112 27.61 17.56 -3.20
N ALA A 113 28.37 17.52 -4.28
CA ALA A 113 28.08 16.47 -5.25
C ALA A 113 28.44 15.07 -4.71
N ALA A 114 29.55 15.01 -3.95
CA ALA A 114 30.05 13.70 -3.50
C ALA A 114 30.97 13.94 -2.29
N GLU A 115 31.52 12.84 -1.71
CA GLU A 115 32.40 13.01 -0.51
C GLU A 115 33.38 11.84 -0.55
N LEU A 116 34.60 12.19 -0.26
CA LEU A 116 35.70 11.21 -0.09
C LEU A 116 35.97 11.03 1.42
N HIS A 117 36.14 9.80 1.85
CA HIS A 117 36.56 9.45 3.22
C HIS A 117 37.91 8.67 3.24
N ILE A 118 38.87 9.13 4.05
CA ILE A 118 40.19 8.44 4.18
C ILE A 118 40.21 7.96 5.64
N VAL A 119 40.01 6.64 5.75
CA VAL A 119 39.81 6.01 7.07
C VAL A 119 41.13 5.66 7.74
N HIS A 120 41.24 5.98 9.02
CA HIS A 120 42.45 5.65 9.81
C HIS A 120 42.01 5.09 11.15
N TYR A 121 42.95 4.36 11.82
CA TYR A 121 42.65 3.80 13.19
C TYR A 121 43.84 4.14 14.09
N ASN A 122 43.52 4.13 15.38
CA ASN A 122 44.57 4.39 16.42
C ASN A 122 45.50 3.19 16.60
N SER A 123 46.64 3.30 15.91
CA SER A 123 47.56 2.19 15.85
C SER A 123 48.55 2.24 17.04
N ASP A 124 48.59 3.35 17.78
CA ASP A 124 49.41 3.26 19.02
C ASP A 124 48.68 2.38 20.04
N LEU A 125 47.38 2.39 20.15
CA LEU A 125 46.66 1.73 21.25
C LEU A 125 46.07 0.43 20.81
N TYR A 126 45.89 0.18 19.54
CA TYR A 126 45.19 -1.03 19.07
C TYR A 126 45.91 -1.72 17.91
N PRO A 127 45.77 -3.07 17.86
CA PRO A 127 46.57 -3.84 16.88
C PRO A 127 46.03 -3.77 15.44
N ASP A 128 44.76 -3.44 15.28
CA ASP A 128 44.22 -3.37 13.96
C ASP A 128 42.90 -2.50 14.05
N ALA A 129 42.35 -2.22 12.89
CA ALA A 129 41.15 -1.36 12.74
C ALA A 129 39.86 -1.98 13.30
N SER A 130 39.76 -3.33 13.23
CA SER A 130 38.62 -4.04 13.85
C SER A 130 38.60 -3.84 15.36
N THR A 131 39.75 -3.99 16.02
CA THR A 131 39.77 -3.76 17.45
C THR A 131 39.48 -2.30 17.80
N ALA A 132 40.05 -1.37 16.99
CA ALA A 132 39.94 0.02 17.27
C ALA A 132 38.50 0.48 17.08
N SER A 133 37.77 -0.23 16.26
CA SER A 133 36.46 0.23 15.82
C SER A 133 35.43 0.17 16.96
N ASN A 134 35.72 -0.54 18.08
CA ASN A 134 34.87 -0.54 19.23
C ASN A 134 35.34 0.28 20.41
N LYS A 135 36.32 1.16 20.24
CA LYS A 135 36.85 1.95 21.32
C LYS A 135 36.62 3.40 21.00
N SER A 136 36.34 4.22 22.01
CA SER A 136 36.06 5.64 21.83
C SER A 136 37.34 6.20 21.17
N GLU A 137 37.13 7.16 20.25
CA GLU A 137 38.25 7.72 19.41
C GLU A 137 39.15 6.64 18.74
N GLY A 138 38.72 5.35 18.62
CA GLY A 138 39.46 4.31 17.94
C GLY A 138 39.78 4.56 16.43
N LEU A 139 38.88 5.34 15.79
CA LEU A 139 39.00 5.63 14.33
C LEU A 139 39.09 7.13 14.15
N ALA A 140 39.74 7.57 13.05
CA ALA A 140 39.78 8.98 12.66
C ALA A 140 39.57 8.93 11.14
N VAL A 141 38.50 9.66 10.71
CA VAL A 141 38.22 9.70 9.26
C VAL A 141 38.37 11.13 8.78
N LEU A 142 39.06 11.29 7.66
CA LEU A 142 39.16 12.59 6.99
C LEU A 142 38.08 12.67 5.89
N ALA A 143 37.33 13.76 5.85
CA ALA A 143 36.26 13.91 4.78
C ALA A 143 36.63 15.04 3.87
N VAL A 144 36.57 14.84 2.57
CA VAL A 144 36.72 15.90 1.54
C VAL A 144 35.41 16.03 0.77
N LEU A 145 34.83 17.22 0.88
CA LEU A 145 33.57 17.55 0.11
C LEU A 145 33.94 17.74 -1.36
N ILE A 146 33.14 17.23 -2.31
CA ILE A 146 33.46 17.27 -3.70
C ILE A 146 32.34 18.00 -4.45
N GLU A 147 32.73 18.98 -5.29
CA GLU A 147 31.77 19.72 -6.08
C GLU A 147 32.11 19.46 -7.58
N MET A 148 31.06 19.60 -8.42
CA MET A 148 31.30 19.52 -9.86
C MET A 148 31.92 20.83 -10.38
N GLY A 149 32.95 20.72 -11.19
CA GLY A 149 33.53 21.94 -11.86
C GLY A 149 34.67 21.46 -12.75
N SER A 150 35.90 21.78 -12.30
CA SER A 150 37.10 21.47 -13.10
C SER A 150 37.45 19.95 -12.96
N PHE A 151 37.95 19.43 -14.05
CA PHE A 151 38.59 18.10 -14.06
C PHE A 151 39.66 18.08 -13.00
N ASN A 152 39.85 16.90 -12.36
CA ASN A 152 40.86 16.73 -11.30
C ASN A 152 41.80 15.58 -11.66
N PRO A 153 43.04 15.88 -12.11
CA PRO A 153 43.91 14.77 -12.51
C PRO A 153 44.16 13.77 -11.38
N SER A 154 44.20 14.23 -10.12
CA SER A 154 44.57 13.33 -9.04
C SER A 154 43.39 12.37 -8.73
N TYR A 155 42.14 12.92 -8.69
CA TYR A 155 41.01 12.00 -8.53
C TYR A 155 40.92 11.01 -9.73
N ASP A 156 41.38 11.43 -10.94
CA ASP A 156 41.32 10.54 -12.10
C ASP A 156 42.24 9.30 -11.94
N LYS A 157 43.22 9.44 -11.04
CA LYS A 157 44.08 8.23 -10.82
C LYS A 157 43.22 7.11 -10.26
N ILE A 158 42.10 7.43 -9.59
CA ILE A 158 41.12 6.40 -9.13
C ILE A 158 40.04 6.22 -10.21
N PHE A 159 39.42 7.34 -10.67
CA PHE A 159 38.23 7.22 -11.55
C PHE A 159 38.52 6.56 -12.93
N SER A 160 39.75 6.70 -13.39
CA SER A 160 40.08 6.05 -14.70
C SER A 160 39.90 4.56 -14.66
N HIS A 161 39.80 3.98 -13.43
CA HIS A 161 39.61 2.49 -13.30
C HIS A 161 38.20 2.03 -13.14
N LEU A 162 37.24 2.98 -13.06
CA LEU A 162 35.84 2.64 -12.73
C LEU A 162 35.18 1.66 -13.67
N GLN A 163 35.40 1.81 -15.00
CA GLN A 163 34.75 0.89 -15.97
C GLN A 163 35.37 -0.49 -15.90
N HIS A 164 36.39 -0.72 -15.03
CA HIS A 164 36.94 -2.01 -14.87
C HIS A 164 36.71 -2.63 -13.49
N VAL A 165 35.90 -1.93 -12.64
CA VAL A 165 35.43 -2.54 -11.38
C VAL A 165 33.91 -2.33 -11.27
N LYS A 166 33.22 -2.53 -12.39
CA LYS A 166 31.79 -2.19 -12.49
C LYS A 166 30.89 -2.99 -11.52
N TYR A 167 31.37 -4.21 -11.15
CA TYR A 167 30.45 -5.14 -10.41
C TYR A 167 31.04 -5.59 -9.08
N LYS A 168 30.16 -5.91 -8.14
CA LYS A 168 30.59 -6.32 -6.82
C LYS A 168 31.68 -7.41 -6.86
N GLY A 169 32.76 -7.26 -6.05
CA GLY A 169 33.77 -8.24 -6.00
C GLY A 169 34.89 -8.02 -7.01
N GLN A 170 34.67 -7.14 -8.01
CA GLN A 170 35.76 -6.88 -8.96
C GLN A 170 36.88 -6.02 -8.37
N GLU A 171 38.09 -6.10 -8.86
CA GLU A 171 39.27 -5.45 -8.31
C GLU A 171 40.13 -4.93 -9.40
N ALA A 172 40.85 -3.85 -9.20
CA ALA A 172 41.87 -3.34 -10.08
C ALA A 172 43.08 -2.99 -9.24
N PHE A 173 44.18 -2.68 -9.89
CA PHE A 173 45.37 -2.30 -9.22
C PHE A 173 45.65 -0.97 -9.64
N VAL A 174 45.91 -0.07 -8.68
CA VAL A 174 46.26 1.31 -8.89
C VAL A 174 47.71 1.64 -8.48
N PRO A 175 48.60 2.08 -9.41
CA PRO A 175 49.93 2.48 -8.98
C PRO A 175 49.89 3.58 -7.94
N GLY A 176 50.84 3.58 -7.01
CA GLY A 176 50.73 4.56 -6.01
C GLY A 176 50.83 5.98 -6.58
N PHE A 177 50.16 6.94 -5.92
CA PHE A 177 50.24 8.34 -6.28
C PHE A 177 50.07 9.12 -5.01
N ASN A 178 50.23 10.43 -5.07
CA ASN A 178 50.22 11.24 -3.84
C ASN A 178 48.76 11.50 -3.35
N ILE A 179 48.37 10.80 -2.33
CA ILE A 179 47.00 10.88 -1.76
C ILE A 179 46.79 12.35 -1.22
N GLU A 180 47.87 13.10 -0.85
CA GLU A 180 47.65 14.47 -0.44
C GLU A 180 47.04 15.32 -1.55
N GLU A 181 47.23 14.90 -2.80
CA GLU A 181 46.62 15.72 -3.91
C GLU A 181 45.10 15.55 -3.98
N LEU A 182 44.52 14.62 -3.21
CA LEU A 182 43.06 14.53 -3.12
C LEU A 182 42.47 15.52 -2.11
N LEU A 183 43.33 16.11 -1.31
CA LEU A 183 42.89 17.07 -0.27
C LEU A 183 42.70 18.46 -0.86
N PRO A 184 41.85 19.25 -0.22
CA PRO A 184 41.49 20.56 -0.78
C PRO A 184 42.55 21.66 -0.36
N GLU A 185 42.30 22.88 -0.84
CA GLU A 185 43.14 23.97 -0.35
C GLU A 185 42.93 24.25 1.19
N ARG A 186 44.02 24.71 1.85
CA ARG A 186 43.96 25.14 3.23
C ARG A 186 43.45 23.98 4.14
N THR A 187 44.20 22.90 4.13
CA THR A 187 43.82 21.76 4.96
C THR A 187 43.90 22.09 6.49
N ALA A 188 44.56 23.22 6.86
CA ALA A 188 44.52 23.58 8.26
C ALA A 188 43.16 24.02 8.75
N GLU A 189 42.30 24.31 7.81
CA GLU A 189 40.91 24.76 8.11
C GLU A 189 39.96 23.55 7.97
N TYR A 190 39.33 23.20 9.12
CA TYR A 190 38.46 22.03 9.15
C TYR A 190 37.45 22.09 10.29
N TYR A 191 36.45 21.23 10.20
CA TYR A 191 35.46 20.97 11.26
C TYR A 191 35.83 19.74 11.94
N ARG A 192 35.69 19.65 13.25
CA ARG A 192 36.14 18.52 14.05
C ARG A 192 35.02 18.13 15.01
N TYR A 193 34.58 16.86 15.03
CA TYR A 193 33.62 16.42 16.05
C TYR A 193 33.66 14.94 16.27
N ARG A 194 33.07 14.49 17.35
CA ARG A 194 33.01 13.07 17.69
C ARG A 194 31.73 12.52 17.13
N GLY A 195 31.84 11.47 16.28
CA GLY A 195 30.66 10.86 15.68
C GLY A 195 30.86 9.40 15.44
N SER A 196 30.30 8.92 14.31
CA SER A 196 30.14 7.47 14.12
C SER A 196 30.53 7.13 12.70
N LEU A 197 30.68 5.83 12.43
N LEU A 197 30.71 5.83 12.42
CA LEU A 197 30.69 5.34 11.05
CA LEU A 197 30.66 5.40 11.02
C LEU A 197 29.31 5.68 10.39
C LEU A 197 29.30 5.83 10.43
N THR A 198 29.34 6.15 9.14
CA THR A 198 28.07 6.50 8.50
C THR A 198 27.38 5.36 7.75
N THR A 199 28.08 4.21 7.81
N THR A 199 27.93 4.18 7.97
CA THR A 199 27.52 2.92 7.35
CA THR A 199 27.44 3.00 7.35
C THR A 199 27.35 1.97 8.54
C THR A 199 27.46 1.93 8.45
N PRO A 200 26.52 0.94 8.35
CA PRO A 200 26.60 -0.18 9.35
C PRO A 200 28.03 -0.66 9.51
N PRO A 201 28.47 -1.01 10.73
CA PRO A 201 27.69 -1.06 11.97
C PRO A 201 27.46 0.23 12.76
N CYS A 202 27.83 1.40 12.15
CA CYS A 202 27.51 2.75 12.73
C CYS A 202 28.17 2.97 14.10
N ASN A 203 29.32 2.34 14.30
N ASN A 203 29.30 2.31 14.36
CA ASN A 203 29.97 2.42 15.63
CA ASN A 203 29.89 2.39 15.72
C ASN A 203 30.20 3.89 16.01
C ASN A 203 30.22 3.85 16.01
N PRO A 204 29.91 4.29 17.26
CA PRO A 204 30.13 5.70 17.63
C PRO A 204 31.55 6.01 18.09
N THR A 205 32.50 5.70 17.21
CA THR A 205 33.94 5.62 17.66
C THR A 205 34.84 6.45 16.73
N VAL A 206 34.23 7.33 15.88
CA VAL A 206 35.01 8.10 14.90
C VAL A 206 35.27 9.51 15.35
N LEU A 207 36.53 9.94 15.32
CA LEU A 207 36.86 11.38 15.41
C LEU A 207 36.84 11.93 13.97
N TRP A 208 35.87 12.76 13.62
CA TRP A 208 35.74 13.26 12.26
C TRP A 208 36.57 14.53 12.05
N THR A 209 37.18 14.67 10.88
CA THR A 209 37.76 15.95 10.42
C THR A 209 37.21 16.16 9.06
N VAL A 210 36.39 17.16 8.87
CA VAL A 210 35.81 17.45 7.54
C VAL A 210 36.48 18.73 7.04
N PHE A 211 37.23 18.67 6.01
CA PHE A 211 37.90 19.93 5.57
C PHE A 211 36.89 20.98 5.14
N ARG A 212 37.24 22.26 5.43
CA ARG A 212 36.34 23.39 5.13
C ARG A 212 36.09 23.53 3.62
N ASN A 213 37.13 23.41 2.84
CA ASN A 213 36.98 23.72 1.38
C ASN A 213 36.74 22.48 0.54
N PRO A 214 35.88 22.57 -0.47
CA PRO A 214 35.65 21.39 -1.31
C PRO A 214 36.73 21.32 -2.37
N VAL A 215 36.86 20.13 -3.01
CA VAL A 215 37.62 20.06 -4.25
C VAL A 215 36.61 19.97 -5.43
N GLN A 216 37.12 20.14 -6.64
CA GLN A 216 36.31 19.99 -7.83
C GLN A 216 36.77 18.78 -8.67
N ILE A 217 35.75 18.11 -9.22
CA ILE A 217 35.95 17.12 -10.32
C ILE A 217 35.08 17.47 -11.49
N SER A 218 35.40 17.02 -12.73
CA SER A 218 34.59 17.48 -13.86
C SER A 218 33.19 16.85 -13.90
N GLN A 219 32.39 17.39 -14.82
N GLN A 219 32.24 17.46 -14.59
CA GLN A 219 31.05 16.88 -15.10
CA GLN A 219 30.98 16.79 -14.88
C GLN A 219 31.21 15.44 -15.50
C GLN A 219 31.20 15.37 -15.49
N GLU A 220 32.16 15.18 -16.38
CA GLU A 220 32.34 13.81 -16.93
C GLU A 220 32.83 12.84 -15.83
N GLN A 221 33.71 13.32 -14.96
CA GLN A 221 34.19 12.43 -13.88
C GLN A 221 33.06 12.11 -12.95
N LEU A 222 32.23 13.12 -12.54
CA LEU A 222 31.07 12.86 -11.62
C LEU A 222 30.12 11.92 -12.30
N LEU A 223 29.85 12.09 -13.58
CA LEU A 223 28.86 11.17 -14.24
C LEU A 223 29.47 9.76 -14.32
N ALA A 224 30.79 9.60 -14.56
CA ALA A 224 31.37 8.23 -14.51
C ALA A 224 31.16 7.62 -13.12
N LEU A 225 31.40 8.39 -12.06
CA LEU A 225 31.30 7.85 -10.71
C LEU A 225 29.82 7.42 -10.46
N GLU A 226 28.83 8.18 -10.99
CA GLU A 226 27.42 7.91 -10.70
C GLU A 226 26.87 6.85 -11.64
N THR A 227 27.56 6.52 -12.74
CA THR A 227 26.88 5.58 -13.72
C THR A 227 27.68 4.31 -13.97
N ALA A 228 28.93 4.20 -13.50
CA ALA A 228 29.76 3.04 -13.97
C ALA A 228 29.47 1.87 -13.11
N LEU A 229 29.03 2.05 -11.84
CA LEU A 229 29.12 0.97 -10.88
C LEU A 229 27.75 0.38 -10.51
N TYR A 230 27.82 -0.93 -10.17
CA TYR A 230 26.64 -1.66 -9.62
C TYR A 230 26.95 -2.31 -8.23
N CYS A 231 25.87 -2.40 -7.46
CA CYS A 231 25.98 -3.09 -6.14
C CYS A 231 26.01 -4.61 -6.26
N THR A 232 25.56 -5.09 -7.41
CA THR A 232 25.39 -6.55 -7.66
C THR A 232 26.54 -7.11 -8.44
N HIS A 233 26.68 -8.47 -8.31
CA HIS A 233 27.69 -9.23 -9.12
C HIS A 233 27.40 -9.23 -10.65
N MET A 234 28.48 -9.39 -11.42
CA MET A 234 28.37 -9.40 -12.88
C MET A 234 27.34 -10.49 -13.23
N ASP A 235 26.44 -10.25 -14.14
CA ASP A 235 25.62 -11.44 -14.49
C ASP A 235 24.57 -11.88 -13.47
N ASP A 236 24.52 -11.19 -12.31
CA ASP A 236 23.25 -11.08 -11.61
C ASP A 236 22.20 -10.59 -12.60
N PRO A 237 21.08 -11.36 -12.78
CA PRO A 237 20.14 -10.99 -13.85
C PRO A 237 19.31 -9.70 -13.59
N SER A 238 19.35 -9.19 -12.36
N SER A 238 19.29 -9.22 -12.34
CA SER A 238 18.61 -7.98 -12.00
CA SER A 238 18.59 -7.98 -11.97
C SER A 238 19.57 -7.00 -11.33
C SER A 238 19.59 -7.01 -11.33
N PRO A 239 20.33 -6.28 -12.16
CA PRO A 239 21.32 -5.40 -11.55
C PRO A 239 20.68 -4.32 -10.62
N ARG A 240 21.47 -3.90 -9.62
CA ARG A 240 21.13 -2.68 -8.82
C ARG A 240 22.29 -1.66 -9.08
N GLU A 241 21.94 -0.50 -9.62
CA GLU A 241 22.93 0.59 -9.80
C GLU A 241 23.44 1.08 -8.41
N MET A 242 24.74 1.30 -8.35
CA MET A 242 25.36 1.95 -7.15
C MET A 242 25.26 3.47 -7.25
N ILE A 243 24.12 3.93 -6.76
CA ILE A 243 23.76 5.32 -6.70
C ILE A 243 23.23 5.72 -5.29
N ASN A 244 23.31 7.01 -5.01
CA ASN A 244 22.69 7.52 -3.73
C ASN A 244 23.23 6.73 -2.54
N ASN A 245 24.54 6.48 -2.53
CA ASN A 245 25.11 5.62 -1.39
C ASN A 245 25.66 6.59 -0.35
N PHE A 246 24.77 7.43 0.16
CA PHE A 246 25.10 8.39 1.24
C PHE A 246 23.98 8.28 2.26
N ARG A 247 24.29 8.56 3.51
CA ARG A 247 23.28 8.51 4.58
C ARG A 247 22.69 9.97 4.76
N GLN A 248 21.39 10.06 5.06
CA GLN A 248 20.80 11.37 5.47
C GLN A 248 21.54 11.91 6.71
N VAL A 249 21.56 13.24 6.81
CA VAL A 249 22.08 13.85 8.01
C VAL A 249 21.27 13.47 9.29
N GLN A 250 21.95 13.38 10.40
CA GLN A 250 21.40 12.98 11.68
C GLN A 250 21.07 14.18 12.58
N LYS A 251 20.16 13.96 13.54
CA LYS A 251 20.01 14.98 14.61
C LYS A 251 21.36 15.24 15.23
N PHE A 252 21.55 16.50 15.71
CA PHE A 252 22.79 16.82 16.42
C PHE A 252 22.40 17.96 17.36
N ASP A 253 22.08 17.57 18.60
CA ASP A 253 21.54 18.47 19.68
C ASP A 253 22.30 18.40 20.94
N GLU A 254 22.37 19.53 21.67
N GLU A 254 22.40 19.47 21.74
CA GLU A 254 23.14 19.65 22.96
CA GLU A 254 23.28 19.43 22.98
C GLU A 254 24.64 19.57 22.77
C GLU A 254 24.73 18.91 22.63
N ARG A 255 25.09 19.75 21.53
N ARG A 255 25.25 19.43 21.52
CA ARG A 255 26.51 19.49 21.17
CA ARG A 255 26.59 19.07 21.00
C ARG A 255 27.09 20.45 20.20
C ARG A 255 27.10 20.13 20.04
N LEU A 256 28.43 20.40 20.05
CA LEU A 256 29.15 21.28 19.22
C LEU A 256 30.20 20.57 18.28
N VAL A 257 30.20 21.18 17.14
CA VAL A 257 31.28 20.94 16.17
C VAL A 257 32.33 22.02 16.35
N TYR A 258 33.59 21.63 16.43
CA TYR A 258 34.71 22.64 16.67
C TYR A 258 35.30 22.97 15.34
N THR A 259 35.61 24.22 15.07
CA THR A 259 36.22 24.64 13.82
C THR A 259 37.65 25.16 14.04
N SER A 260 38.60 25.00 13.11
CA SER A 260 40.00 25.43 13.29
C SER A 260 40.12 26.76 12.57
N PHE A 261 39.06 27.25 11.98
CA PHE A 261 38.95 28.51 11.30
C PHE A 261 37.92 29.38 12.01
N SER A 262 37.99 30.70 11.81
CA SER A 262 37.05 31.52 12.61
C SER A 262 36.08 32.07 11.54
N GLN A 263 34.91 32.54 11.99
CA GLN A 263 33.86 32.98 11.05
C GLN A 263 33.32 34.36 11.50
N LYS B 3 8.02 3.87 24.59
CA LYS B 3 7.16 4.42 23.51
C LYS B 3 8.11 5.32 22.68
N TRP B 4 7.69 5.57 21.43
CA TRP B 4 8.55 6.25 20.47
C TRP B 4 8.78 7.70 20.88
N THR B 5 9.97 8.21 20.51
CA THR B 5 10.40 9.55 20.84
C THR B 5 11.15 10.14 19.67
N TYR B 6 11.65 11.37 19.79
CA TYR B 6 12.64 11.96 18.81
C TYR B 6 14.10 12.04 19.29
N PHE B 7 14.37 11.37 20.41
CA PHE B 7 15.71 11.47 20.96
C PHE B 7 15.99 10.22 21.72
N GLY B 8 17.18 9.66 21.50
CA GLY B 8 17.65 8.57 22.37
C GLY B 8 17.26 7.21 21.75
N PRO B 9 17.27 6.12 22.57
CA PRO B 9 17.11 4.76 22.06
C PRO B 9 15.90 4.53 21.18
N ASP B 10 14.84 5.27 21.44
CA ASP B 10 13.55 5.02 20.83
C ASP B 10 13.25 6.12 19.78
N GLY B 11 14.31 6.82 19.40
CA GLY B 11 14.23 7.92 18.41
C GLY B 11 14.11 7.42 16.96
N GLU B 12 14.13 8.36 16.03
CA GLU B 12 13.60 8.08 14.69
C GLU B 12 14.32 6.99 13.92
N ASN B 13 15.60 6.71 14.14
CA ASN B 13 16.24 5.60 13.38
C ASN B 13 15.71 4.23 13.88
N SER B 14 15.06 4.20 15.07
CA SER B 14 14.52 2.92 15.59
C SER B 14 13.04 2.77 15.38
N TRP B 15 12.33 3.78 14.86
CA TRP B 15 10.86 3.69 14.69
C TRP B 15 10.49 2.48 13.79
N SER B 16 11.33 2.08 12.83
CA SER B 16 10.95 0.97 11.86
C SER B 16 10.87 -0.34 12.64
N LYS B 17 11.41 -0.41 13.83
CA LYS B 17 11.38 -1.79 14.54
C LYS B 17 9.90 -2.09 14.85
N LYS B 18 9.22 -1.17 15.50
CA LYS B 18 7.81 -1.41 15.91
C LYS B 18 6.83 -0.93 14.90
N TYR B 19 7.22 -0.06 13.97
CA TYR B 19 6.33 0.56 12.99
C TYR B 19 6.93 0.40 11.62
N PRO B 20 6.77 -0.73 11.00
CA PRO B 20 7.49 -1.06 9.74
C PRO B 20 7.34 -0.03 8.65
N SER B 21 6.21 0.71 8.59
CA SER B 21 6.00 1.69 7.52
C SER B 21 7.01 2.82 7.65
N CYS B 22 7.55 3.05 8.84
CA CYS B 22 8.59 4.08 8.97
C CYS B 22 9.83 3.71 8.17
N GLY B 23 10.13 2.45 7.83
CA GLY B 23 11.14 2.17 6.86
C GLY B 23 10.59 1.77 5.47
N GLY B 24 9.36 2.14 5.15
CA GLY B 24 8.78 1.75 3.90
C GLY B 24 8.77 2.82 2.88
N LEU B 25 7.87 2.77 1.96
CA LEU B 25 7.75 3.70 0.83
C LEU B 25 7.12 4.98 1.19
N LEU B 26 7.36 5.99 0.33
CA LEU B 26 6.66 7.29 0.33
C LEU B 26 6.83 8.10 1.62
N GLN B 27 8.00 8.00 2.25
CA GLN B 27 8.18 8.65 3.59
C GLN B 27 8.32 10.16 3.45
N SER B 28 7.78 10.83 4.46
CA SER B 28 7.93 12.29 4.54
C SER B 28 8.58 12.58 5.92
N PRO B 29 9.09 13.80 6.12
CA PRO B 29 9.13 14.94 5.21
C PRO B 29 10.34 14.89 4.27
N ILE B 30 10.41 15.86 3.35
CA ILE B 30 11.50 15.85 2.32
C ILE B 30 11.99 17.27 2.16
N ASP B 31 13.19 17.34 1.50
CA ASP B 31 13.72 18.64 1.06
C ASP B 31 13.19 19.00 -0.28
N LEU B 32 12.58 20.19 -0.34
CA LEU B 32 11.96 20.67 -1.57
C LEU B 32 13.07 21.49 -2.26
N HIS B 33 13.59 20.97 -3.45
CA HIS B 33 14.70 21.61 -4.09
C HIS B 33 14.52 21.33 -5.63
N SER B 34 15.25 22.15 -6.42
CA SER B 34 14.89 22.35 -7.84
C SER B 34 14.93 21.04 -8.63
N ASP B 35 15.90 20.13 -8.30
CA ASP B 35 16.09 18.93 -9.12
C ASP B 35 14.87 18.02 -9.14
N ILE B 36 14.01 18.11 -8.08
CA ILE B 36 12.83 17.18 -7.94
C ILE B 36 11.47 17.91 -8.15
N LEU B 37 11.56 19.18 -8.52
CA LEU B 37 10.30 20.00 -8.70
C LEU B 37 9.86 19.92 -10.16
N GLN B 38 8.55 19.89 -10.39
CA GLN B 38 8.01 20.02 -11.79
C GLN B 38 6.73 20.87 -11.68
N TYR B 39 6.64 21.97 -12.38
CA TYR B 39 5.39 22.75 -12.51
C TYR B 39 4.28 21.89 -13.16
N ASP B 40 3.09 21.93 -12.50
CA ASP B 40 1.89 21.28 -13.02
C ASP B 40 0.81 22.31 -13.14
N ALA B 41 0.53 22.72 -14.40
CA ALA B 41 -0.42 23.80 -14.66
C ALA B 41 -1.89 23.43 -14.34
N SER B 42 -2.15 22.12 -14.13
CA SER B 42 -3.55 21.71 -13.80
C SER B 42 -3.80 21.83 -12.29
N LEU B 43 -2.79 22.14 -11.48
CA LEU B 43 -3.05 22.28 -10.01
C LEU B 43 -3.90 23.57 -9.70
N THR B 44 -5.01 23.48 -8.98
CA THR B 44 -5.80 24.74 -8.76
C THR B 44 -5.78 25.22 -7.28
N PRO B 45 -6.17 26.44 -7.02
CA PRO B 45 -6.12 26.80 -5.64
C PRO B 45 -7.06 25.98 -4.79
N LEU B 46 -6.59 25.55 -3.63
CA LEU B 46 -7.57 25.09 -2.62
C LEU B 46 -8.48 26.26 -2.10
N GLU B 47 -9.69 25.82 -1.71
CA GLU B 47 -10.68 26.64 -1.05
C GLU B 47 -10.95 26.03 0.33
N PHE B 48 -10.96 26.95 1.31
CA PHE B 48 -11.04 26.59 2.76
C PHE B 48 -12.45 26.91 3.26
N GLN B 49 -13.20 25.83 3.55
CA GLN B 49 -14.67 26.00 3.89
C GLN B 49 -14.87 25.65 5.40
N GLY B 50 -15.57 26.52 6.08
CA GLY B 50 -15.84 26.20 7.48
C GLY B 50 -14.66 26.54 8.38
N TYR B 51 -13.59 27.16 7.90
CA TYR B 51 -12.39 27.49 8.74
C TYR B 51 -12.69 28.48 9.80
N ASN B 52 -13.71 29.34 9.56
CA ASN B 52 -14.00 30.45 10.52
C ASN B 52 -14.87 29.91 11.65
N LEU B 53 -14.24 29.23 12.65
CA LEU B 53 -15.01 28.59 13.74
C LEU B 53 -15.67 29.61 14.65
N SER B 54 -16.92 29.29 15.04
CA SER B 54 -17.67 30.24 15.88
C SER B 54 -16.95 30.49 17.19
N ALA B 55 -16.90 31.76 17.59
CA ALA B 55 -16.30 32.10 18.92
C ALA B 55 -17.15 31.61 20.05
N ASN B 56 -18.45 31.28 19.81
CA ASN B 56 -19.26 30.72 20.94
C ASN B 56 -19.08 29.23 21.06
N LYS B 57 -18.39 28.55 20.11
N LYS B 57 -18.30 28.65 20.14
CA LYS B 57 -18.03 27.12 20.33
CA LYS B 57 -17.97 27.23 20.19
C LYS B 57 -16.58 27.04 20.83
C LYS B 57 -16.54 27.06 20.79
N GLN B 58 -16.23 25.84 21.29
CA GLN B 58 -14.88 25.61 21.86
C GLN B 58 -14.36 24.33 21.27
N PHE B 59 -12.99 24.24 21.32
CA PHE B 59 -12.26 23.17 20.61
C PHE B 59 -11.15 22.66 21.53
N LEU B 60 -11.03 21.35 21.56
CA LEU B 60 -10.11 20.67 22.53
C LEU B 60 -8.62 20.80 22.20
N LEU B 61 -7.82 21.37 23.11
CA LEU B 61 -6.37 21.43 22.93
C LEU B 61 -5.74 20.36 23.82
N THR B 62 -4.89 19.48 23.30
CA THR B 62 -4.37 18.36 24.08
C THR B 62 -2.84 18.24 23.86
N ASN B 63 -2.09 18.05 24.91
CA ASN B 63 -0.68 17.59 24.81
C ASN B 63 -0.70 16.08 24.68
N ASN B 64 -0.32 15.53 23.50
CA ASN B 64 -0.44 14.12 23.30
C ASN B 64 0.92 13.35 23.58
N GLY B 65 1.85 14.10 24.19
CA GLY B 65 3.17 13.51 24.46
C GLY B 65 4.16 13.73 23.32
N HIS B 66 3.71 14.18 22.15
CA HIS B 66 4.61 14.33 20.95
C HIS B 66 4.49 15.69 20.32
N SER B 67 3.34 16.36 20.52
CA SER B 67 3.11 17.72 20.02
C SER B 67 1.93 18.29 20.85
N VAL B 68 1.57 19.50 20.56
CA VAL B 68 0.30 19.98 21.07
C VAL B 68 -0.70 20.00 19.87
N LYS B 69 -1.91 19.40 20.04
CA LYS B 69 -2.91 19.36 18.97
C LYS B 69 -4.17 20.08 19.35
N LEU B 70 -4.82 20.70 18.39
CA LEU B 70 -6.14 21.27 18.56
C LEU B 70 -7.11 20.45 17.68
N ASN B 71 -8.15 19.90 18.29
CA ASN B 71 -9.16 19.18 17.51
C ASN B 71 -10.04 20.13 16.73
N LEU B 72 -10.36 19.64 15.51
CA LEU B 72 -11.11 20.53 14.56
C LEU B 72 -12.37 19.78 14.15
N PRO B 73 -13.43 20.57 13.81
CA PRO B 73 -14.72 19.89 13.53
C PRO B 73 -14.79 19.42 12.07
N SER B 74 -15.52 18.30 11.89
CA SER B 74 -15.59 17.73 10.50
C SER B 74 -16.41 18.58 9.56
N ASP B 75 -17.09 19.64 10.00
CA ASP B 75 -17.75 20.48 9.02
C ASP B 75 -16.68 21.42 8.30
N MET B 76 -15.43 21.53 8.81
CA MET B 76 -14.40 22.30 8.17
C MET B 76 -13.81 21.38 7.07
N HIS B 77 -13.73 21.91 5.83
CA HIS B 77 -13.16 21.09 4.79
C HIS B 77 -12.43 21.84 3.70
N ILE B 78 -11.71 21.01 2.88
N ILE B 78 -11.71 21.10 2.86
CA ILE B 78 -10.92 21.52 1.75
CA ILE B 78 -11.06 21.85 1.80
C ILE B 78 -11.67 21.16 0.44
C ILE B 78 -11.74 21.29 0.52
N GLN B 79 -11.80 22.18 -0.44
CA GLN B 79 -12.23 21.90 -1.81
C GLN B 79 -11.02 22.16 -2.75
N GLY B 80 -10.99 21.42 -3.85
CA GLY B 80 -9.90 21.54 -4.80
C GLY B 80 -9.09 20.27 -4.96
N LEU B 81 -9.39 19.26 -4.16
CA LEU B 81 -8.83 17.94 -4.35
C LEU B 81 -9.92 17.07 -5.00
N GLN B 82 -9.54 15.89 -5.39
CA GLN B 82 -10.54 15.14 -6.17
C GLN B 82 -11.66 14.61 -5.27
N SER B 83 -11.33 14.23 -4.01
CA SER B 83 -12.38 13.91 -2.97
C SER B 83 -12.49 15.10 -2.04
N ARG B 84 -13.60 15.14 -1.30
CA ARG B 84 -13.74 16.05 -0.19
C ARG B 84 -12.91 15.58 0.99
N TYR B 85 -12.07 16.54 1.51
CA TYR B 85 -11.36 16.15 2.80
C TYR B 85 -11.83 17.04 3.92
N SER B 86 -12.13 16.48 5.10
CA SER B 86 -12.66 17.27 6.25
C SER B 86 -11.58 17.30 7.36
N ALA B 87 -11.62 18.41 8.08
CA ALA B 87 -10.62 18.61 9.20
C ALA B 87 -10.76 17.54 10.29
N THR B 88 -9.62 17.19 10.93
CA THR B 88 -9.63 16.44 12.18
C THR B 88 -8.84 17.14 13.29
N GLN B 89 -7.66 17.69 13.03
CA GLN B 89 -6.83 18.36 14.05
C GLN B 89 -5.70 19.14 13.37
N LEU B 90 -5.16 20.09 14.13
CA LEU B 90 -3.90 20.74 13.77
C LEU B 90 -2.91 20.57 14.88
N HIS B 91 -1.61 20.61 14.52
CA HIS B 91 -0.53 20.56 15.56
C HIS B 91 0.70 21.14 14.94
N LEU B 92 1.78 21.23 15.73
CA LEU B 92 3.03 21.87 15.28
C LEU B 92 4.25 21.00 15.56
N HIS B 93 5.33 21.40 14.87
CA HIS B 93 6.61 20.83 15.09
C HIS B 93 7.65 21.94 15.24
N TRP B 94 8.65 21.77 16.10
CA TRP B 94 9.64 22.86 16.35
C TRP B 94 10.97 22.28 16.80
N GLY B 95 11.97 23.20 16.98
CA GLY B 95 13.35 22.79 17.35
C GLY B 95 13.62 23.12 18.82
N ASN B 96 14.62 23.99 19.06
CA ASN B 96 14.95 24.20 20.49
C ASN B 96 15.67 25.56 20.58
N PRO B 97 15.76 26.14 21.81
CA PRO B 97 16.25 27.50 21.86
C PRO B 97 17.65 27.68 21.34
N ASN B 98 18.50 26.68 21.48
CA ASN B 98 19.89 26.89 20.94
C ASN B 98 20.01 26.65 19.40
N ASP B 99 18.97 26.05 18.76
CA ASP B 99 18.98 25.82 17.33
C ASP B 99 17.55 25.86 16.88
N PRO B 100 17.00 27.08 16.76
CA PRO B 100 15.53 27.26 16.58
C PRO B 100 15.13 27.11 15.12
N HIS B 101 15.33 25.91 14.61
CA HIS B 101 15.12 25.57 13.21
C HIS B 101 14.56 24.16 13.05
N GLY B 102 13.30 24.04 13.44
CA GLY B 102 12.64 22.71 13.59
C GLY B 102 11.40 22.43 12.68
N SER B 103 11.37 23.05 11.48
CA SER B 103 10.38 22.64 10.52
C SER B 103 10.67 21.18 10.14
N GLU B 104 9.65 20.55 9.56
CA GLU B 104 9.85 19.17 9.03
C GLU B 104 10.35 19.22 7.60
N HIS B 105 9.56 19.87 6.72
CA HIS B 105 10.02 20.11 5.33
C HIS B 105 11.10 21.21 5.33
N THR B 106 12.06 21.02 4.40
CA THR B 106 13.06 22.11 4.18
C THR B 106 12.91 22.54 2.72
N VAL B 107 13.44 23.75 2.46
CA VAL B 107 13.36 24.32 1.08
C VAL B 107 14.79 24.69 0.69
N SER B 108 15.28 24.04 -0.39
CA SER B 108 16.70 24.22 -0.85
C SER B 108 17.63 24.06 0.34
N GLY B 109 17.40 23.01 1.13
CA GLY B 109 18.23 22.63 2.26
C GLY B 109 18.03 23.41 3.55
N GLN B 110 17.18 24.43 3.54
CA GLN B 110 17.00 25.28 4.71
C GLN B 110 15.77 24.84 5.53
N HIS B 111 15.99 24.72 6.87
CA HIS B 111 14.88 24.56 7.82
C HIS B 111 14.28 25.91 8.03
N PHE B 112 13.01 25.88 8.29
CA PHE B 112 12.30 27.01 8.88
C PHE B 112 12.23 26.83 10.42
N ALA B 113 11.82 27.92 11.12
CA ALA B 113 11.76 27.82 12.59
C ALA B 113 10.85 26.68 13.10
N ALA B 114 9.66 26.54 12.49
CA ALA B 114 8.68 25.54 12.90
C ALA B 114 7.76 25.27 11.73
N GLU B 115 6.80 24.37 12.00
CA GLU B 115 5.84 24.03 10.92
C GLU B 115 4.52 23.66 11.57
N LEU B 116 3.41 24.17 10.94
CA LEU B 116 2.03 23.82 11.32
C LEU B 116 1.49 22.80 10.34
N HIS B 117 0.81 21.81 10.87
CA HIS B 117 0.10 20.77 10.08
C HIS B 117 -1.41 20.81 10.36
N ILE B 118 -2.21 21.05 9.31
CA ILE B 118 -3.67 20.96 9.41
C ILE B 118 -4.16 19.66 8.77
N VAL B 119 -4.56 18.68 9.58
CA VAL B 119 -4.77 17.36 9.17
C VAL B 119 -6.25 17.24 8.74
N HIS B 120 -6.47 16.48 7.64
CA HIS B 120 -7.81 16.20 7.09
C HIS B 120 -7.92 14.79 6.69
N TYR B 121 -9.20 14.29 6.61
CA TYR B 121 -9.32 12.87 6.12
C TYR B 121 -10.35 12.83 4.97
N ASN B 122 -10.26 11.73 4.25
CA ASN B 122 -11.17 11.57 3.03
C ASN B 122 -12.62 11.15 3.57
N SER B 123 -13.46 12.19 3.60
CA SER B 123 -14.81 12.00 4.25
C SER B 123 -15.75 11.38 3.18
N ASP B 124 -15.40 11.43 1.88
CA ASP B 124 -16.18 10.67 0.89
C ASP B 124 -16.00 9.18 0.98
N LEU B 125 -14.80 8.66 1.33
CA LEU B 125 -14.52 7.23 1.31
C LEU B 125 -14.65 6.61 2.72
N TYR B 126 -14.40 7.47 3.74
CA TYR B 126 -14.22 6.95 5.13
C TYR B 126 -15.02 7.73 6.20
N PRO B 127 -15.41 6.96 7.28
CA PRO B 127 -16.27 7.57 8.28
C PRO B 127 -15.59 8.60 9.22
N ASP B 128 -14.28 8.39 9.44
CA ASP B 128 -13.55 9.22 10.40
C ASP B 128 -12.07 9.13 10.11
N ALA B 129 -11.36 9.97 10.91
CA ALA B 129 -9.94 10.05 10.60
C ALA B 129 -9.15 8.80 11.00
N SER B 130 -9.51 8.18 12.13
N SER B 130 -9.50 8.15 12.13
CA SER B 130 -8.78 7.02 12.50
CA SER B 130 -8.79 6.96 12.48
C SER B 130 -8.95 5.84 11.44
C SER B 130 -8.94 5.92 11.34
N THR B 131 -10.18 5.71 10.89
CA THR B 131 -10.42 4.65 9.90
C THR B 131 -9.71 4.97 8.58
N ALA B 132 -9.72 6.23 8.29
CA ALA B 132 -9.02 6.79 6.99
C ALA B 132 -7.47 6.59 7.01
N SER B 133 -6.91 6.68 8.24
CA SER B 133 -5.46 6.84 8.37
C SER B 133 -4.62 5.72 7.72
N ASN B 134 -5.05 4.48 7.67
CA ASN B 134 -4.24 3.43 7.06
C ASN B 134 -4.89 2.92 5.77
N LYS B 135 -5.68 3.82 5.12
CA LYS B 135 -6.32 3.36 3.87
C LYS B 135 -5.87 4.23 2.71
N SER B 136 -6.10 3.68 1.52
CA SER B 136 -5.71 4.36 0.28
C SER B 136 -6.47 5.69 0.22
N GLU B 137 -5.78 6.75 -0.14
CA GLU B 137 -6.34 8.01 -0.28
C GLU B 137 -6.92 8.57 1.01
N GLY B 138 -6.38 8.07 2.13
CA GLY B 138 -7.04 8.46 3.39
C GLY B 138 -6.92 9.86 3.93
N LEU B 139 -5.70 10.49 3.75
CA LEU B 139 -5.45 11.70 4.44
C LEU B 139 -4.92 12.85 3.55
N ALA B 140 -5.12 14.10 3.92
CA ALA B 140 -4.58 15.26 3.26
C ALA B 140 -4.11 16.18 4.35
N VAL B 141 -2.82 16.60 4.30
CA VAL B 141 -2.33 17.53 5.32
C VAL B 141 -1.86 18.80 4.68
N LEU B 142 -2.18 19.94 5.25
CA LEU B 142 -1.70 21.21 4.81
C LEU B 142 -0.51 21.62 5.71
N ALA B 143 0.63 22.00 5.12
CA ALA B 143 1.81 22.44 5.95
C ALA B 143 2.09 23.92 5.72
N VAL B 144 2.23 24.63 6.82
CA VAL B 144 2.64 26.02 6.78
C VAL B 144 3.99 26.11 7.45
N LEU B 145 4.98 26.69 6.71
CA LEU B 145 6.31 26.97 7.19
C LEU B 145 6.27 28.25 8.05
N ILE B 146 6.97 28.23 9.21
CA ILE B 146 6.92 29.33 10.14
C ILE B 146 8.36 29.86 10.36
N GLU B 147 8.52 31.16 10.18
CA GLU B 147 9.83 31.79 10.49
C GLU B 147 9.64 32.91 11.56
N MET B 148 10.78 33.26 12.17
CA MET B 148 10.76 34.31 13.23
C MET B 148 10.62 35.66 12.53
N GLY B 149 9.66 36.48 13.01
CA GLY B 149 9.47 37.83 12.51
C GLY B 149 8.48 38.58 13.39
N SER B 150 7.46 39.13 12.75
CA SER B 150 6.52 39.93 13.52
C SER B 150 5.59 39.02 14.35
N PHE B 151 5.09 39.61 15.45
CA PHE B 151 4.11 39.02 16.30
C PHE B 151 2.86 38.60 15.56
N ASN B 152 2.33 37.43 15.82
CA ASN B 152 1.21 36.94 15.04
C ASN B 152 0.03 36.69 16.01
N PRO B 153 -0.95 37.60 16.01
CA PRO B 153 -2.08 37.44 16.93
C PRO B 153 -2.88 36.15 16.76
N SER B 154 -2.93 35.63 15.52
CA SER B 154 -3.75 34.49 15.25
C SER B 154 -3.08 33.25 15.85
N TYR B 155 -1.74 33.07 15.64
CA TYR B 155 -1.06 31.92 16.33
C TYR B 155 -1.07 32.05 17.83
N ASP B 156 -1.11 33.28 18.33
CA ASP B 156 -1.33 33.45 19.79
C ASP B 156 -2.68 32.93 20.32
N LYS B 157 -3.71 32.80 19.50
CA LYS B 157 -4.92 32.17 19.96
C LYS B 157 -4.72 30.72 20.38
N ILE B 158 -3.60 30.13 19.86
CA ILE B 158 -3.23 28.78 20.35
C ILE B 158 -2.23 28.99 21.44
N PHE B 159 -1.17 29.77 21.20
CA PHE B 159 -0.05 29.71 22.18
C PHE B 159 -0.42 30.26 23.54
N SER B 160 -1.41 31.14 23.60
CA SER B 160 -1.65 31.76 24.94
C SER B 160 -2.29 30.68 25.86
N HIS B 161 -2.62 29.46 25.43
CA HIS B 161 -3.16 28.41 26.27
C HIS B 161 -2.14 27.34 26.63
N LEU B 162 -0.87 27.50 26.22
CA LEU B 162 0.11 26.41 26.36
C LEU B 162 0.35 26.02 27.78
N GLN B 163 0.29 27.03 28.71
CA GLN B 163 0.64 26.69 30.11
C GLN B 163 -0.42 25.81 30.77
N HIS B 164 -1.57 25.56 30.13
CA HIS B 164 -2.56 24.66 30.66
C HIS B 164 -2.48 23.25 30.11
N VAL B 165 -1.56 23.00 29.15
CA VAL B 165 -1.39 21.62 28.60
C VAL B 165 0.12 21.27 28.69
N LYS B 166 0.78 21.63 29.79
CA LYS B 166 2.24 21.44 29.84
C LYS B 166 2.67 20.00 29.80
N TYR B 167 1.87 19.08 30.38
CA TYR B 167 2.24 17.69 30.47
C TYR B 167 1.34 16.75 29.65
N LYS B 168 1.87 15.57 29.32
CA LYS B 168 1.12 14.58 28.49
C LYS B 168 -0.23 14.27 29.08
N GLY B 169 -1.24 14.29 28.22
CA GLY B 169 -2.58 13.97 28.67
C GLY B 169 -3.39 15.15 29.14
N GLN B 170 -2.74 16.32 29.40
CA GLN B 170 -3.50 17.47 29.85
C GLN B 170 -4.29 18.16 28.71
N GLU B 171 -5.43 18.76 28.99
CA GLU B 171 -6.37 19.31 27.94
C GLU B 171 -6.85 20.63 28.38
N ALA B 172 -7.20 21.49 27.43
CA ALA B 172 -7.83 22.78 27.75
C ALA B 172 -8.76 23.07 26.56
N PHE B 173 -9.78 23.86 26.71
CA PHE B 173 -10.59 24.25 25.57
C PHE B 173 -10.15 25.61 25.06
N VAL B 174 -10.25 25.80 23.74
CA VAL B 174 -9.91 27.03 23.03
C VAL B 174 -11.23 27.51 22.28
N PRO B 175 -11.64 28.77 22.52
CA PRO B 175 -12.83 29.30 21.76
C PRO B 175 -12.51 29.31 20.27
N GLY B 176 -13.54 29.10 19.51
CA GLY B 176 -13.40 29.12 18.01
C GLY B 176 -12.75 30.44 17.62
N PHE B 177 -11.86 30.32 16.58
CA PHE B 177 -11.35 31.48 15.87
C PHE B 177 -11.21 31.07 14.34
N ASN B 178 -10.73 32.06 13.58
CA ASN B 178 -10.64 31.78 12.10
C ASN B 178 -9.27 31.05 11.76
N ILE B 179 -9.41 29.77 11.45
CA ILE B 179 -8.22 28.90 11.24
C ILE B 179 -7.48 29.47 10.01
N GLU B 180 -8.25 30.04 9.04
CA GLU B 180 -7.60 30.49 7.82
C GLU B 180 -6.61 31.62 8.12
N GLU B 181 -6.68 32.31 9.26
CA GLU B 181 -5.64 33.28 9.65
C GLU B 181 -4.24 32.68 9.93
N LEU B 182 -4.23 31.35 10.11
CA LEU B 182 -2.94 30.68 10.35
C LEU B 182 -2.20 30.41 9.01
N LEU B 183 -2.89 30.63 7.88
CA LEU B 183 -2.30 30.28 6.57
C LEU B 183 -1.60 31.52 6.01
N PRO B 184 -0.60 31.35 5.13
CA PRO B 184 0.17 32.49 4.58
C PRO B 184 -0.59 33.15 3.48
N GLU B 185 0.18 34.11 2.93
CA GLU B 185 -0.21 34.73 1.67
C GLU B 185 -0.09 33.80 0.39
N ARG B 186 -0.93 34.16 -0.60
CA ARG B 186 -0.86 33.51 -1.87
C ARG B 186 -0.89 32.01 -1.58
N THR B 187 -1.92 31.57 -0.81
CA THR B 187 -2.03 30.08 -0.69
C THR B 187 -2.06 29.33 -2.04
N ALA B 188 -2.37 30.07 -3.14
CA ALA B 188 -2.40 29.43 -4.46
C ALA B 188 -1.09 28.79 -4.89
N GLU B 189 0.00 29.26 -4.30
N GLU B 189 0.01 29.32 -4.35
CA GLU B 189 1.34 28.70 -4.67
CA GLU B 189 1.37 28.86 -4.57
C GLU B 189 1.85 27.74 -3.61
C GLU B 189 1.71 27.73 -3.57
N TYR B 190 1.99 26.51 -4.07
CA TYR B 190 2.32 25.39 -3.17
C TYR B 190 3.07 24.30 -3.86
N TYR B 191 3.64 23.44 -2.99
CA TYR B 191 4.23 22.17 -3.44
C TYR B 191 3.25 21.00 -3.16
N ARG B 192 3.13 19.99 -3.99
CA ARG B 192 2.13 18.91 -3.76
C ARG B 192 2.86 17.61 -4.03
N TYR B 193 2.76 16.61 -3.15
CA TYR B 193 3.32 15.29 -3.40
C TYR B 193 2.66 14.20 -2.55
N ARG B 194 2.78 12.96 -2.95
CA ARG B 194 2.25 11.82 -2.19
C ARG B 194 3.37 11.41 -1.18
N GLY B 195 2.97 11.38 0.10
CA GLY B 195 3.94 11.03 1.16
C GLY B 195 3.25 10.27 2.28
N SER B 196 3.76 10.46 3.48
CA SER B 196 3.38 9.71 4.66
C SER B 196 3.14 10.60 5.86
N LEU B 197 2.53 9.92 6.86
CA LEU B 197 2.63 10.54 8.24
C LEU B 197 4.13 10.64 8.54
N THR B 198 4.44 11.73 9.26
CA THR B 198 5.88 12.01 9.62
C THR B 198 6.25 11.50 11.02
N THR B 199 5.30 10.84 11.72
CA THR B 199 5.58 10.17 12.98
C THR B 199 4.99 8.75 12.90
N PRO B 200 5.48 7.86 13.75
CA PRO B 200 4.82 6.52 13.78
C PRO B 200 3.24 6.71 13.82
N PRO B 201 2.47 5.89 13.11
CA PRO B 201 2.92 4.72 12.33
C PRO B 201 3.51 4.95 10.92
N CYS B 202 3.68 6.19 10.51
CA CYS B 202 4.36 6.50 9.22
C CYS B 202 3.59 5.95 7.99
N ASN B 203 2.26 5.84 8.12
CA ASN B 203 1.47 5.23 6.97
C ASN B 203 1.67 6.08 5.73
N PRO B 204 1.87 5.41 4.57
CA PRO B 204 2.09 6.23 3.34
C PRO B 204 0.78 6.58 2.69
N THR B 205 -0.08 7.31 3.41
CA THR B 205 -1.46 7.57 2.98
C THR B 205 -1.78 9.06 2.95
N VAL B 206 -0.73 9.95 2.88
CA VAL B 206 -0.99 11.35 2.97
C VAL B 206 -0.70 12.08 1.65
N LEU B 207 -1.68 12.88 1.21
CA LEU B 207 -1.46 13.82 0.11
C LEU B 207 -0.98 15.15 0.79
N TRP B 208 0.28 15.56 0.52
CA TRP B 208 0.81 16.76 1.16
C TRP B 208 0.66 18.02 0.33
N THR B 209 0.29 19.11 0.93
CA THR B 209 0.33 20.41 0.33
C THR B 209 1.18 21.30 1.21
N VAL B 210 2.33 21.79 0.73
CA VAL B 210 3.20 22.60 1.60
C VAL B 210 3.14 24.00 0.92
N PHE B 211 2.60 24.98 1.61
CA PHE B 211 2.52 26.29 0.98
C PHE B 211 3.88 26.88 0.73
N ARG B 212 4.03 27.66 -0.37
CA ARG B 212 5.33 28.23 -0.74
C ARG B 212 5.77 29.28 0.18
N ASN B 213 4.82 30.13 0.63
CA ASN B 213 5.20 31.26 1.46
C ASN B 213 5.04 30.98 2.93
N PRO B 214 6.05 31.42 3.75
CA PRO B 214 5.96 31.19 5.18
C PRO B 214 5.09 32.24 5.85
N VAL B 215 4.68 31.98 7.13
CA VAL B 215 4.11 32.99 8.07
C VAL B 215 5.19 33.33 9.07
N GLN B 216 4.97 34.38 9.80
CA GLN B 216 5.94 34.84 10.84
C GLN B 216 5.28 34.84 12.22
N ILE B 217 6.04 34.38 13.23
CA ILE B 217 5.66 34.54 14.64
C ILE B 217 6.85 35.27 15.28
N SER B 218 6.57 35.92 16.45
CA SER B 218 7.67 36.69 17.00
C SER B 218 8.74 35.78 17.63
N GLN B 219 9.90 36.36 17.94
CA GLN B 219 10.90 35.58 18.72
C GLN B 219 10.35 35.15 20.08
N GLU B 220 9.55 36.00 20.73
CA GLU B 220 9.00 35.64 22.00
C GLU B 220 7.97 34.47 21.87
N GLN B 221 7.18 34.47 20.81
CA GLN B 221 6.18 33.39 20.63
C GLN B 221 6.93 32.09 20.31
N LEU B 222 7.97 32.16 19.50
CA LEU B 222 8.73 30.94 19.15
C LEU B 222 9.36 30.33 20.43
N LEU B 223 9.98 31.19 21.27
CA LEU B 223 10.60 30.72 22.50
C LEU B 223 9.55 30.10 23.43
N ALA B 224 8.42 30.76 23.57
CA ALA B 224 7.35 30.23 24.36
C ALA B 224 6.97 28.77 23.94
N LEU B 225 6.75 28.60 22.59
CA LEU B 225 6.41 27.26 22.10
C LEU B 225 7.52 26.29 22.42
N GLU B 226 8.80 26.66 22.29
CA GLU B 226 9.91 25.74 22.51
C GLU B 226 10.12 25.34 23.96
N THR B 227 9.56 26.16 24.86
CA THR B 227 9.86 25.97 26.32
C THR B 227 8.66 25.55 27.17
N ALA B 228 7.46 25.55 26.58
CA ALA B 228 6.22 25.40 27.43
C ALA B 228 5.88 23.99 27.78
N LEU B 229 6.27 23.05 26.93
CA LEU B 229 5.71 21.71 27.02
C LEU B 229 6.66 20.58 27.35
N TYR B 230 6.13 19.52 27.94
CA TYR B 230 6.85 18.31 28.22
C TYR B 230 6.21 17.11 27.54
N CYS B 231 7.06 16.13 27.18
CA CYS B 231 6.48 14.88 26.60
C CYS B 231 5.88 13.94 27.58
N THR B 232 6.19 14.12 28.86
CA THR B 232 5.84 13.10 29.90
C THR B 232 4.61 13.56 30.69
N HIS B 233 4.03 12.58 31.40
CA HIS B 233 2.94 12.83 32.27
C HIS B 233 3.42 13.53 33.55
N MET B 234 2.47 14.22 34.19
N MET B 234 2.50 14.20 34.22
CA MET B 234 2.65 14.66 35.57
CA MET B 234 2.89 14.99 35.40
C MET B 234 2.86 13.34 36.30
C MET B 234 3.43 14.10 36.53
N ASP B 235 3.76 13.32 37.26
N ASP B 235 3.25 12.79 36.40
CA ASP B 235 4.20 12.02 37.88
CA ASP B 235 3.75 11.88 37.42
C ASP B 235 5.15 11.08 37.11
C ASP B 235 5.06 11.25 37.13
N ASP B 236 5.66 11.46 35.95
CA ASP B 236 6.76 10.63 35.39
C ASP B 236 8.03 10.96 36.21
N PRO B 237 8.75 9.91 36.69
CA PRO B 237 10.03 10.14 37.38
C PRO B 237 11.18 10.70 36.48
N SER B 238 11.05 10.62 35.15
CA SER B 238 12.15 11.16 34.28
C SER B 238 11.50 12.14 33.23
N PRO B 239 11.23 13.37 33.64
CA PRO B 239 10.52 14.28 32.72
C PRO B 239 11.34 14.49 31.50
N ARG B 240 10.69 14.86 30.37
CA ARG B 240 11.43 15.09 29.10
C ARG B 240 10.76 16.31 28.47
N GLU B 241 11.54 17.31 28.17
CA GLU B 241 11.03 18.55 27.52
C GLU B 241 10.66 18.22 26.10
N MET B 242 9.57 18.87 25.65
CA MET B 242 9.08 18.68 24.30
C MET B 242 9.78 19.68 23.36
N ILE B 243 10.90 19.16 22.78
CA ILE B 243 11.78 19.96 21.92
C ILE B 243 12.22 19.04 20.74
N ASN B 244 12.64 19.69 19.65
CA ASN B 244 13.17 18.94 18.45
C ASN B 244 12.21 17.82 18.02
N ASN B 245 10.91 18.16 18.02
CA ASN B 245 9.88 17.17 17.65
C ASN B 245 9.56 17.20 16.16
N PHE B 246 10.58 17.02 15.36
CA PHE B 246 10.46 17.02 13.90
C PHE B 246 11.31 15.84 13.42
N ARG B 247 10.89 15.23 12.28
CA ARG B 247 11.64 14.15 11.69
C ARG B 247 12.71 14.74 10.74
N GLN B 248 13.88 14.07 10.62
CA GLN B 248 14.83 14.41 9.54
C GLN B 248 14.20 14.21 8.17
N VAL B 249 14.62 14.94 7.13
CA VAL B 249 14.11 14.69 5.78
C VAL B 249 14.57 13.33 5.24
N GLN B 250 13.71 12.80 4.38
CA GLN B 250 13.89 11.42 3.88
C GLN B 250 14.51 11.50 2.46
N LYS B 251 15.06 10.35 2.10
CA LYS B 251 15.41 10.20 0.67
C LYS B 251 14.18 10.37 -0.20
N PHE B 252 14.39 10.85 -1.46
CA PHE B 252 13.23 11.11 -2.34
C PHE B 252 13.84 11.06 -3.68
N ASP B 253 13.67 9.91 -4.32
N ASP B 253 13.74 9.87 -4.26
CA ASP B 253 14.62 9.47 -5.30
CA ASP B 253 14.61 9.42 -5.33
C ASP B 253 14.29 9.40 -6.80
C ASP B 253 14.01 9.58 -6.71
N GLU B 254 13.37 8.53 -7.23
CA GLU B 254 13.01 8.59 -8.68
C GLU B 254 11.62 9.18 -8.78
N ARG B 255 11.42 10.34 -8.17
CA ARG B 255 10.12 10.96 -7.90
C ARG B 255 10.15 12.47 -7.99
N LEU B 256 8.95 13.09 -8.12
CA LEU B 256 8.77 14.45 -8.34
C LEU B 256 7.72 15.06 -7.27
N VAL B 257 8.03 16.30 -7.02
CA VAL B 257 7.15 17.18 -6.28
C VAL B 257 6.54 18.07 -7.32
N TYR B 258 5.24 18.23 -7.37
CA TYR B 258 4.58 19.14 -8.35
C TYR B 258 4.34 20.49 -7.75
N THR B 259 4.57 21.55 -8.48
CA THR B 259 4.35 22.89 -7.98
C THR B 259 3.22 23.62 -8.77
N SER B 260 2.54 24.53 -8.07
CA SER B 260 1.43 25.27 -8.72
C SER B 260 2.00 26.56 -9.16
N PHE B 261 3.33 26.73 -9.15
CA PHE B 261 3.96 28.04 -9.57
C PHE B 261 5.17 27.63 -10.45
N SER B 262 5.45 28.43 -11.49
CA SER B 262 6.55 28.07 -12.40
C SER B 262 7.73 28.93 -12.21
N GLN B 263 7.60 29.89 -11.30
CA GLN B 263 8.61 30.91 -11.01
C GLN B 263 8.15 31.78 -9.82
N LYS C 3 -17.65 -36.90 -11.03
CA LYS C 3 -16.69 -36.12 -10.26
C LYS C 3 -16.93 -34.61 -10.58
N TRP C 4 -16.04 -33.82 -10.01
CA TRP C 4 -16.29 -32.35 -9.99
C TRP C 4 -15.94 -31.72 -11.35
N THR C 5 -16.71 -30.67 -11.63
CA THR C 5 -16.50 -29.85 -12.88
C THR C 5 -16.72 -28.36 -12.64
N TYR C 6 -16.62 -27.53 -13.66
CA TYR C 6 -16.88 -26.09 -13.54
C TYR C 6 -18.21 -25.67 -14.10
N PHE C 7 -19.02 -26.70 -14.53
CA PHE C 7 -20.17 -26.39 -15.34
C PHE C 7 -21.26 -27.47 -15.15
N GLY C 8 -22.45 -27.03 -14.71
CA GLY C 8 -23.53 -28.04 -14.58
C GLY C 8 -23.67 -28.54 -13.14
N PRO C 9 -24.41 -29.64 -12.91
CA PRO C 9 -24.84 -29.99 -11.59
C PRO C 9 -23.74 -30.48 -10.68
N ASP C 10 -22.54 -30.76 -11.24
CA ASP C 10 -21.31 -31.04 -10.50
C ASP C 10 -20.28 -29.84 -10.43
N GLY C 11 -20.85 -28.65 -10.76
CA GLY C 11 -20.04 -27.41 -10.71
C GLY C 11 -19.84 -26.84 -9.29
N GLU C 12 -19.28 -25.61 -9.25
CA GLU C 12 -18.66 -25.19 -7.98
C GLU C 12 -19.56 -25.01 -6.78
N ASN C 13 -20.86 -24.76 -7.02
CA ASN C 13 -21.74 -24.58 -5.85
C ASN C 13 -22.03 -25.90 -5.15
N SER C 14 -21.71 -27.00 -5.87
N SER C 14 -21.61 -27.01 -5.75
CA SER C 14 -21.83 -28.41 -5.36
CA SER C 14 -21.87 -28.30 -5.08
C SER C 14 -20.54 -29.02 -4.93
C SER C 14 -20.56 -28.98 -4.80
N TRP C 15 -19.39 -28.34 -5.03
CA TRP C 15 -18.14 -28.98 -4.63
C TRP C 15 -18.16 -29.31 -3.12
N SER C 16 -18.82 -28.48 -2.28
CA SER C 16 -18.79 -28.76 -0.81
C SER C 16 -19.53 -30.14 -0.54
N LYS C 17 -20.39 -30.65 -1.45
CA LYS C 17 -21.04 -31.95 -1.21
C LYS C 17 -20.00 -33.03 -1.31
N LYS C 18 -18.91 -32.77 -2.06
CA LYS C 18 -17.91 -33.84 -2.30
C LYS C 18 -16.58 -33.63 -1.59
N TYR C 19 -16.35 -32.38 -1.12
CA TYR C 19 -15.07 -31.99 -0.56
C TYR C 19 -15.36 -31.01 0.58
N PRO C 20 -15.34 -31.41 1.84
CA PRO C 20 -15.79 -30.53 2.88
C PRO C 20 -15.09 -29.16 2.95
N SER C 21 -13.78 -29.08 2.67
CA SER C 21 -13.11 -27.80 2.84
C SER C 21 -13.65 -26.78 1.79
N CYS C 22 -14.28 -27.23 0.69
CA CYS C 22 -14.78 -26.22 -0.27
C CYS C 22 -15.88 -25.36 0.24
N GLY C 23 -16.55 -25.79 1.33
CA GLY C 23 -17.53 -24.89 2.03
C GLY C 23 -16.97 -24.36 3.38
N GLY C 24 -15.69 -24.52 3.58
CA GLY C 24 -15.02 -24.12 4.82
C GLY C 24 -14.39 -22.73 4.72
N LEU C 25 -13.43 -22.46 5.62
CA LEU C 25 -12.92 -21.12 5.82
C LEU C 25 -11.88 -20.85 4.81
N LEU C 26 -11.52 -19.58 4.74
CA LEU C 26 -10.26 -19.13 4.09
C LEU C 26 -10.26 -19.47 2.59
N GLN C 27 -11.43 -19.48 1.97
CA GLN C 27 -11.41 -19.86 0.56
C GLN C 27 -10.89 -18.79 -0.43
N SER C 28 -10.27 -19.27 -1.51
CA SER C 28 -9.78 -18.45 -2.64
C SER C 28 -10.50 -18.89 -3.91
N PRO C 29 -10.48 -18.07 -4.96
CA PRO C 29 -9.86 -16.73 -5.06
C PRO C 29 -10.73 -15.64 -4.49
N ILE C 30 -10.25 -14.39 -4.58
CA ILE C 30 -10.93 -13.23 -4.08
C ILE C 30 -10.76 -12.06 -5.05
N ASP C 31 -11.63 -11.05 -4.82
CA ASP C 31 -11.51 -9.76 -5.52
C ASP C 31 -10.64 -8.84 -4.71
N LEU C 32 -9.59 -8.34 -5.38
CA LEU C 32 -8.64 -7.43 -4.66
C LEU C 32 -9.11 -6.03 -4.86
N HIS C 33 -9.62 -5.33 -3.83
CA HIS C 33 -10.15 -3.96 -4.06
C HIS C 33 -9.76 -3.12 -2.85
N SER C 34 -9.79 -1.77 -2.98
N SER C 34 -9.85 -1.79 -3.04
CA SER C 34 -9.14 -0.90 -1.97
CA SER C 34 -9.26 -0.83 -2.13
C SER C 34 -9.57 -1.14 -0.51
C SER C 34 -9.61 -0.98 -0.63
N ASP C 35 -10.87 -1.34 -0.31
CA ASP C 35 -11.41 -1.31 1.09
C ASP C 35 -10.72 -2.37 1.96
N ILE C 36 -10.20 -3.46 1.33
CA ILE C 36 -9.63 -4.61 2.03
C ILE C 36 -8.07 -4.69 1.86
N LEU C 37 -7.46 -3.67 1.27
CA LEU C 37 -5.98 -3.67 1.09
C LEU C 37 -5.37 -2.92 2.29
N GLN C 38 -4.23 -3.45 2.74
CA GLN C 38 -3.45 -2.78 3.79
C GLN C 38 -1.96 -2.87 3.36
N TYR C 39 -1.28 -1.72 3.26
CA TYR C 39 0.17 -1.73 2.93
C TYR C 39 0.94 -2.39 4.11
N ASP C 40 1.95 -3.23 3.80
CA ASP C 40 2.77 -3.85 4.82
C ASP C 40 4.20 -3.77 4.33
N ALA C 41 4.95 -2.89 4.97
CA ALA C 41 6.36 -2.75 4.59
C ALA C 41 7.24 -3.94 4.88
N SER C 42 6.77 -4.90 5.68
N SER C 42 6.77 -4.91 5.69
CA SER C 42 7.60 -6.06 5.92
CA SER C 42 7.51 -6.14 5.96
C SER C 42 7.67 -6.95 4.70
C SER C 42 7.48 -7.14 4.80
N LEU C 43 6.70 -6.84 3.76
CA LEU C 43 6.64 -7.72 2.56
C LEU C 43 7.78 -7.45 1.60
N THR C 44 8.84 -8.25 1.72
CA THR C 44 10.06 -7.97 0.97
C THR C 44 10.03 -8.84 -0.34
N PRO C 45 10.95 -8.61 -1.26
CA PRO C 45 10.94 -9.42 -2.48
C PRO C 45 11.19 -10.87 -2.26
N LEU C 46 10.45 -11.69 -2.96
N LEU C 46 10.45 -11.69 -2.96
CA LEU C 46 10.80 -13.11 -3.03
CA LEU C 46 10.78 -13.13 -3.03
C LEU C 46 12.06 -13.33 -3.91
C LEU C 46 12.09 -13.28 -3.85
N GLU C 47 12.83 -14.34 -3.56
CA GLU C 47 13.89 -14.78 -4.45
C GLU C 47 13.54 -16.13 -5.07
N PHE C 48 13.62 -16.17 -6.38
CA PHE C 48 13.24 -17.27 -7.19
C PHE C 48 14.55 -18.01 -7.48
N GLN C 49 14.71 -19.18 -6.84
CA GLN C 49 15.96 -19.94 -6.92
C GLN C 49 15.78 -21.21 -7.66
N GLY C 50 16.68 -21.46 -8.62
CA GLY C 50 16.60 -22.68 -9.45
C GLY C 50 15.44 -22.63 -10.45
N TYR C 51 14.95 -21.40 -10.71
CA TYR C 51 13.88 -21.22 -11.79
C TYR C 51 14.42 -21.33 -13.21
N ASN C 52 15.75 -21.15 -13.38
CA ASN C 52 16.30 -21.27 -14.76
C ASN C 52 16.56 -22.74 -15.02
N LEU C 53 15.50 -23.48 -15.35
CA LEU C 53 15.53 -24.96 -15.56
C LEU C 53 16.50 -25.30 -16.71
N SER C 54 17.25 -26.37 -16.48
CA SER C 54 18.23 -26.76 -17.49
C SER C 54 17.57 -27.09 -18.82
N ALA C 55 18.10 -26.46 -19.82
CA ALA C 55 17.61 -26.64 -21.24
C ALA C 55 17.95 -28.07 -21.69
N ASN C 56 18.85 -28.71 -20.92
CA ASN C 56 19.25 -30.07 -21.28
C ASN C 56 18.36 -31.11 -20.61
N LYS C 57 17.39 -30.62 -19.78
CA LYS C 57 16.47 -31.49 -19.09
C LYS C 57 15.10 -31.30 -19.79
N GLN C 58 14.23 -32.27 -19.54
CA GLN C 58 12.82 -32.21 -20.05
C GLN C 58 11.83 -32.43 -18.93
N PHE C 59 10.69 -31.69 -18.98
CA PHE C 59 9.72 -31.64 -17.84
C PHE C 59 8.38 -32.06 -18.41
N LEU C 60 7.58 -32.81 -17.65
CA LEU C 60 6.34 -33.40 -18.14
C LEU C 60 5.17 -32.42 -18.10
N LEU C 61 4.46 -32.27 -19.21
CA LEU C 61 3.28 -31.43 -19.38
C LEU C 61 2.12 -32.43 -19.46
N THR C 62 1.10 -32.29 -18.65
CA THR C 62 0.02 -33.28 -18.61
C THR C 62 -1.31 -32.56 -18.66
N ASN C 63 -2.25 -33.04 -19.43
CA ASN C 63 -3.65 -32.68 -19.32
C ASN C 63 -4.26 -33.58 -18.25
N ASN C 64 -4.67 -32.98 -17.13
CA ASN C 64 -5.19 -33.81 -15.97
C ASN C 64 -6.71 -33.85 -15.90
N GLY C 65 -7.40 -33.41 -16.95
CA GLY C 65 -8.84 -33.34 -17.06
C GLY C 65 -9.47 -32.06 -16.38
N HIS C 66 -8.58 -31.20 -15.72
CA HIS C 66 -9.10 -29.91 -15.12
C HIS C 66 -8.30 -28.74 -15.59
N SER C 67 -7.04 -28.99 -15.99
CA SER C 67 -6.14 -27.92 -16.40
C SER C 67 -5.04 -28.57 -17.25
N VAL C 68 -4.08 -27.75 -17.66
CA VAL C 68 -2.85 -28.35 -18.22
C VAL C 68 -1.71 -27.94 -17.25
N LYS C 69 -0.94 -28.95 -16.81
CA LYS C 69 0.07 -28.71 -15.73
C LYS C 69 1.49 -29.10 -16.23
N LEU C 70 2.51 -28.37 -15.82
CA LEU C 70 3.89 -28.72 -16.06
C LEU C 70 4.54 -29.09 -14.72
N ASN C 71 5.12 -30.31 -14.63
CA ASN C 71 5.80 -30.67 -13.44
C ASN C 71 7.11 -29.94 -13.29
N LEU C 72 7.40 -29.48 -12.07
CA LEU C 72 8.60 -28.76 -11.81
C LEU C 72 9.47 -29.49 -10.76
N PRO C 73 10.78 -29.25 -10.82
CA PRO C 73 11.71 -30.09 -9.96
C PRO C 73 11.83 -29.52 -8.59
N SER C 74 12.08 -30.43 -7.66
CA SER C 74 12.04 -29.94 -6.29
C SER C 74 13.24 -29.09 -5.87
N ASP C 75 14.29 -28.99 -6.73
CA ASP C 75 15.36 -28.09 -6.45
C ASP C 75 15.02 -26.59 -6.78
N MET C 76 13.90 -26.29 -7.51
CA MET C 76 13.37 -24.97 -7.70
C MET C 76 12.57 -24.52 -6.43
N HIS C 77 12.83 -23.32 -5.95
CA HIS C 77 12.19 -22.90 -4.69
C HIS C 77 12.09 -21.41 -4.56
N ILE C 78 11.18 -20.99 -3.70
N ILE C 78 11.22 -21.06 -3.60
CA ILE C 78 11.21 -19.57 -3.29
CA ILE C 78 11.04 -19.65 -3.10
C ILE C 78 11.93 -19.56 -1.95
C ILE C 78 11.77 -19.46 -1.79
N GLN C 79 12.68 -18.48 -1.80
CA GLN C 79 13.42 -18.01 -0.65
C GLN C 79 12.81 -16.67 -0.26
N GLY C 80 12.76 -16.46 1.02
CA GLY C 80 12.25 -15.14 1.46
C GLY C 80 11.08 -15.26 2.47
N LEU C 81 10.44 -16.43 2.53
CA LEU C 81 9.38 -16.67 3.54
C LEU C 81 10.02 -17.37 4.78
N GLN C 82 9.14 -17.68 5.79
N GLN C 82 9.31 -17.61 5.90
CA GLN C 82 9.56 -18.28 7.08
CA GLN C 82 10.07 -18.19 7.05
C GLN C 82 10.31 -19.61 6.88
C GLN C 82 10.63 -19.59 6.68
N SER C 83 9.83 -20.37 5.91
CA SER C 83 10.31 -21.66 5.53
C SER C 83 10.69 -21.53 4.04
N ARG C 84 11.47 -22.50 3.58
CA ARG C 84 11.64 -22.74 2.12
C ARG C 84 10.40 -23.42 1.63
N TYR C 85 9.95 -22.93 0.42
CA TYR C 85 8.87 -23.61 -0.34
C TYR C 85 9.43 -24.11 -1.66
N SER C 86 9.31 -25.40 -1.90
CA SER C 86 9.91 -26.01 -3.11
C SER C 86 8.80 -26.18 -4.17
N ALA C 87 9.15 -25.96 -5.46
CA ALA C 87 8.13 -26.05 -6.50
C ALA C 87 7.71 -27.47 -6.72
N THR C 88 6.42 -27.65 -7.13
CA THR C 88 5.94 -28.92 -7.56
C THR C 88 5.32 -28.94 -8.97
N GLN C 89 4.59 -27.87 -9.38
CA GLN C 89 3.97 -27.84 -10.71
C GLN C 89 3.52 -26.40 -10.96
N LEU C 90 3.28 -26.08 -12.24
CA LEU C 90 2.49 -24.85 -12.59
C LEU C 90 1.34 -25.28 -13.49
N HIS C 91 0.31 -24.41 -13.58
CA HIS C 91 -0.82 -24.70 -14.41
C HIS C 91 -1.58 -23.38 -14.63
N LEU C 92 -2.62 -23.42 -15.48
CA LEU C 92 -3.35 -22.19 -15.79
C LEU C 92 -4.89 -22.39 -15.62
N HIS C 93 -5.53 -21.17 -15.61
CA HIS C 93 -7.03 -21.11 -15.58
C HIS C 93 -7.44 -20.06 -16.68
N TRP C 94 -8.58 -20.33 -17.34
CA TRP C 94 -9.00 -19.44 -18.45
C TRP C 94 -10.52 -19.52 -18.66
N GLY C 95 -10.99 -18.69 -19.62
CA GLY C 95 -12.41 -18.51 -19.88
C GLY C 95 -12.81 -19.27 -21.14
N ASN C 96 -13.33 -18.51 -22.13
CA ASN C 96 -13.79 -19.19 -23.39
C ASN C 96 -13.88 -18.08 -24.42
N PRO C 97 -13.87 -18.46 -25.72
CA PRO C 97 -13.79 -17.38 -26.72
C PRO C 97 -14.99 -16.36 -26.69
N ASN C 98 -16.17 -16.80 -26.22
CA ASN C 98 -17.28 -15.85 -26.18
C ASN C 98 -17.24 -14.95 -24.93
N ASP C 99 -16.41 -15.28 -23.96
CA ASP C 99 -16.27 -14.36 -22.79
C ASP C 99 -14.86 -14.63 -22.25
N PRO C 100 -13.85 -14.04 -22.89
CA PRO C 100 -12.42 -14.42 -22.66
C PRO C 100 -11.84 -13.74 -21.38
N HIS C 101 -12.49 -14.02 -20.25
CA HIS C 101 -12.17 -13.34 -19.00
C HIS C 101 -12.20 -14.41 -17.93
N GLY C 102 -11.14 -15.15 -17.79
CA GLY C 102 -11.16 -16.38 -16.92
C GLY C 102 -10.01 -16.41 -15.91
N SER C 103 -9.48 -15.23 -15.51
CA SER C 103 -8.61 -15.30 -14.30
C SER C 103 -9.47 -15.79 -13.09
N GLU C 104 -8.76 -16.19 -12.05
CA GLU C 104 -9.42 -16.54 -10.83
C GLU C 104 -9.54 -15.30 -9.93
N HIS C 105 -8.39 -14.70 -9.54
CA HIS C 105 -8.44 -13.44 -8.82
C HIS C 105 -8.87 -12.34 -9.76
N THR C 106 -9.55 -11.36 -9.19
CA THR C 106 -10.01 -10.15 -9.94
C THR C 106 -9.46 -8.91 -9.16
N VAL C 107 -9.31 -7.82 -9.89
CA VAL C 107 -8.74 -6.55 -9.29
C VAL C 107 -9.81 -5.44 -9.54
N SER C 108 -10.35 -4.91 -8.46
CA SER C 108 -11.40 -3.90 -8.56
C SER C 108 -12.53 -4.37 -9.49
N GLY C 109 -12.94 -5.64 -9.31
CA GLY C 109 -14.05 -6.22 -10.03
C GLY C 109 -13.65 -6.72 -11.43
N GLN C 110 -12.47 -6.42 -11.94
N GLN C 110 -12.45 -6.29 -11.95
CA GLN C 110 -12.17 -6.83 -13.29
CA GLN C 110 -11.79 -6.64 -13.29
C GLN C 110 -11.45 -8.13 -13.34
C GLN C 110 -11.36 -8.13 -13.35
N HIS C 111 -11.98 -8.97 -14.22
CA HIS C 111 -11.40 -10.27 -14.50
C HIS C 111 -10.39 -10.09 -15.59
N PHE C 112 -9.21 -10.62 -15.41
CA PHE C 112 -8.22 -10.72 -16.51
C PHE C 112 -8.52 -11.98 -17.40
N ALA C 113 -7.79 -12.08 -18.55
CA ALA C 113 -8.11 -13.11 -19.48
C ALA C 113 -7.80 -14.49 -18.91
N ALA C 114 -6.75 -14.64 -18.12
CA ALA C 114 -6.33 -15.95 -17.63
C ALA C 114 -5.43 -15.73 -16.44
N GLU C 115 -4.98 -16.85 -15.85
CA GLU C 115 -4.12 -16.77 -14.64
C GLU C 115 -3.20 -17.98 -14.63
N LEU C 116 -1.94 -17.71 -14.28
CA LEU C 116 -0.97 -18.76 -14.10
C LEU C 116 -0.71 -18.96 -12.58
N HIS C 117 -0.63 -20.24 -12.17
CA HIS C 117 -0.27 -20.57 -10.78
C HIS C 117 0.97 -21.45 -10.69
N ILE C 118 1.92 -20.97 -9.88
CA ILE C 118 3.13 -21.75 -9.68
C ILE C 118 3.13 -22.28 -8.24
N VAL C 119 2.92 -23.60 -8.11
CA VAL C 119 2.59 -24.20 -6.81
C VAL C 119 3.91 -24.71 -6.11
N HIS C 120 4.01 -24.35 -4.84
CA HIS C 120 5.17 -24.75 -3.99
C HIS C 120 4.62 -25.35 -2.69
N TYR C 121 5.50 -26.17 -2.07
CA TYR C 121 5.11 -26.73 -0.78
C TYR C 121 6.24 -26.50 0.26
N ASN C 122 5.85 -26.55 1.53
CA ASN C 122 6.81 -26.20 2.62
C ASN C 122 7.73 -27.42 2.85
N SER C 123 8.94 -27.40 2.23
CA SER C 123 9.76 -28.59 2.25
C SER C 123 10.63 -28.59 3.53
N ASP C 124 10.67 -27.48 4.28
CA ASP C 124 11.33 -27.47 5.66
C ASP C 124 10.46 -28.30 6.65
N LEU C 125 9.13 -28.22 6.51
CA LEU C 125 8.24 -28.92 7.47
C LEU C 125 7.81 -30.28 6.92
N TYR C 126 7.71 -30.49 5.59
CA TYR C 126 7.05 -31.65 5.00
C TYR C 126 7.89 -32.24 3.90
N PRO C 127 7.79 -33.56 3.74
CA PRO C 127 8.59 -34.25 2.71
C PRO C 127 8.16 -34.11 1.25
N ASP C 128 6.89 -33.84 0.93
CA ASP C 128 6.51 -33.72 -0.49
C ASP C 128 5.18 -32.90 -0.51
N ALA C 129 4.74 -32.51 -1.72
CA ALA C 129 3.53 -31.65 -1.84
C ALA C 129 2.24 -32.34 -1.34
N SER C 130 2.15 -33.65 -1.64
CA SER C 130 0.98 -34.41 -1.24
C SER C 130 0.81 -34.38 0.28
N THR C 131 1.84 -34.71 1.08
N THR C 131 1.88 -34.70 0.97
CA THR C 131 1.64 -34.58 2.57
CA THR C 131 1.82 -34.65 2.40
C THR C 131 1.54 -33.13 3.11
C THR C 131 1.54 -33.23 2.97
N ALA C 132 2.16 -32.17 2.39
CA ALA C 132 2.00 -30.80 2.86
C ALA C 132 0.55 -30.23 2.61
N SER C 133 -0.14 -30.82 1.59
CA SER C 133 -1.28 -30.10 0.98
C SER C 133 -2.40 -29.87 1.95
N ASN C 134 -2.56 -30.79 2.92
CA ASN C 134 -3.60 -30.65 3.94
C ASN C 134 -3.06 -30.22 5.29
N LYS C 135 -1.84 -29.68 5.37
CA LYS C 135 -1.24 -29.36 6.63
C LYS C 135 -0.90 -27.88 6.76
N SER C 136 -0.81 -27.50 8.01
CA SER C 136 -0.54 -26.15 8.44
C SER C 136 0.68 -25.55 7.67
N GLU C 137 0.52 -24.31 7.16
CA GLU C 137 1.62 -23.69 6.36
C GLU C 137 2.12 -24.55 5.23
N GLY C 138 1.28 -25.39 4.67
CA GLY C 138 1.72 -26.37 3.77
C GLY C 138 2.23 -25.88 2.40
N LEU C 139 1.45 -24.91 1.87
CA LEU C 139 1.58 -24.53 0.45
C LEU C 139 1.76 -23.03 0.25
N ALA C 140 2.46 -22.69 -0.83
CA ALA C 140 2.57 -21.29 -1.26
C ALA C 140 2.43 -21.29 -2.79
N VAL C 141 1.46 -20.49 -3.27
CA VAL C 141 1.21 -20.37 -4.69
C VAL C 141 1.52 -18.96 -5.15
N LEU C 142 2.24 -18.86 -6.24
CA LEU C 142 2.42 -17.59 -6.93
C LEU C 142 1.37 -17.42 -8.08
N ALA C 143 0.67 -16.29 -8.15
CA ALA C 143 -0.32 -16.12 -9.22
C ALA C 143 0.14 -14.98 -10.14
N VAL C 144 0.12 -15.25 -11.45
CA VAL C 144 0.34 -14.19 -12.48
C VAL C 144 -0.96 -13.94 -13.26
N LEU C 145 -1.39 -12.69 -13.23
CA LEU C 145 -2.60 -12.32 -14.00
C LEU C 145 -2.18 -12.19 -15.48
N ILE C 146 -2.99 -12.69 -16.42
CA ILE C 146 -2.70 -12.69 -17.84
C ILE C 146 -3.77 -11.86 -18.61
N GLU C 147 -3.29 -10.90 -19.41
CA GLU C 147 -4.20 -10.09 -20.24
C GLU C 147 -3.90 -10.37 -21.72
N MET C 148 -4.89 -10.17 -22.62
CA MET C 148 -4.58 -10.39 -24.02
C MET C 148 -3.89 -9.10 -24.56
N GLY C 149 -2.80 -9.29 -25.25
CA GLY C 149 -2.05 -8.13 -25.79
C GLY C 149 -0.92 -8.68 -26.69
N SER C 150 0.33 -8.40 -26.28
CA SER C 150 1.49 -8.80 -27.08
C SER C 150 1.72 -10.33 -26.98
N PHE C 151 2.18 -10.87 -28.10
CA PHE C 151 2.69 -12.29 -28.17
C PHE C 151 3.79 -12.39 -27.09
N ASN C 152 3.78 -13.57 -26.41
CA ASN C 152 4.75 -13.84 -25.38
C ASN C 152 5.54 -15.15 -25.68
N PRO C 153 6.81 -15.00 -26.16
CA PRO C 153 7.56 -16.19 -26.54
C PRO C 153 7.78 -17.18 -25.38
N SER C 154 7.93 -16.64 -24.16
CA SER C 154 8.14 -17.54 -22.99
C SER C 154 6.91 -18.44 -22.67
N TYR C 155 5.71 -17.84 -22.62
CA TYR C 155 4.48 -18.66 -22.49
C TYR C 155 4.36 -19.59 -23.65
N ASP C 156 4.86 -19.25 -24.88
CA ASP C 156 4.73 -20.17 -25.97
C ASP C 156 5.57 -21.44 -25.80
N LYS C 157 6.59 -21.37 -24.96
N LYS C 157 6.58 -21.35 -24.91
CA LYS C 157 7.37 -22.60 -24.78
CA LYS C 157 7.41 -22.54 -24.56
C LYS C 157 6.43 -23.68 -24.17
C LYS C 157 6.52 -23.66 -23.98
N ILE C 158 5.41 -23.23 -23.40
CA ILE C 158 4.30 -24.14 -22.95
C ILE C 158 3.26 -24.35 -24.03
N PHE C 159 2.73 -23.25 -24.54
CA PHE C 159 1.55 -23.34 -25.41
C PHE C 159 1.79 -24.05 -26.76
N SER C 160 3.06 -24.04 -27.15
CA SER C 160 3.35 -24.72 -28.48
C SER C 160 3.19 -26.23 -28.33
N HIS C 161 2.98 -26.77 -27.15
CA HIS C 161 2.72 -28.19 -26.99
C HIS C 161 1.29 -28.59 -26.75
N LEU C 162 0.37 -27.57 -26.75
CA LEU C 162 -1.02 -27.84 -26.39
C LEU C 162 -1.71 -28.85 -27.32
N GLN C 163 -1.42 -28.78 -28.60
CA GLN C 163 -2.00 -29.73 -29.58
C GLN C 163 -1.55 -31.16 -29.40
N HIS C 164 -0.67 -31.43 -28.46
CA HIS C 164 -0.23 -32.80 -28.24
C HIS C 164 -0.65 -33.31 -26.85
N VAL C 165 -1.45 -32.52 -26.11
CA VAL C 165 -2.02 -32.92 -24.84
C VAL C 165 -3.49 -32.55 -24.82
N LYS C 166 -4.18 -32.73 -25.96
CA LYS C 166 -5.58 -32.29 -26.15
C LYS C 166 -6.55 -33.00 -25.17
N TYR C 167 -6.24 -34.29 -24.82
CA TYR C 167 -7.25 -35.08 -24.05
C TYR C 167 -6.66 -35.52 -22.69
N LYS C 168 -7.59 -35.77 -21.76
CA LYS C 168 -7.24 -36.14 -20.42
C LYS C 168 -6.25 -37.29 -20.45
N GLY C 169 -5.24 -37.17 -19.63
CA GLY C 169 -4.22 -38.22 -19.46
C GLY C 169 -3.04 -38.11 -20.40
N GLN C 170 -3.21 -37.30 -21.47
CA GLN C 170 -2.07 -37.16 -22.40
C GLN C 170 -0.95 -36.34 -21.84
N GLU C 171 0.29 -36.58 -22.29
CA GLU C 171 1.52 -36.05 -21.75
C GLU C 171 2.46 -35.64 -22.86
N ALA C 172 3.23 -34.61 -22.65
CA ALA C 172 4.30 -34.19 -23.55
C ALA C 172 5.49 -33.76 -22.78
N PHE C 173 6.66 -33.72 -23.38
CA PHE C 173 7.84 -33.19 -22.78
C PHE C 173 8.11 -31.76 -23.21
N VAL C 174 8.49 -30.89 -22.24
CA VAL C 174 8.88 -29.51 -22.54
C VAL C 174 10.31 -29.35 -22.04
N PRO C 175 11.23 -28.95 -22.95
CA PRO C 175 12.58 -28.64 -22.50
C PRO C 175 12.65 -27.59 -21.43
N GLY C 176 13.65 -27.64 -20.55
CA GLY C 176 13.68 -26.62 -19.55
C GLY C 176 13.89 -25.25 -20.15
N PHE C 177 13.28 -24.28 -19.45
CA PHE C 177 13.51 -22.87 -19.74
C PHE C 177 13.43 -22.08 -18.42
N ASN C 178 13.68 -20.77 -18.44
CA ASN C 178 13.72 -20.00 -17.23
C ASN C 178 12.27 -19.59 -16.88
N ILE C 179 11.76 -20.22 -15.81
CA ILE C 179 10.38 -19.95 -15.39
C ILE C 179 10.22 -18.46 -14.97
N GLU C 180 11.29 -17.76 -14.60
CA GLU C 180 11.13 -16.40 -14.26
C GLU C 180 10.63 -15.57 -15.44
N GLU C 181 10.89 -16.07 -16.67
CA GLU C 181 10.33 -15.38 -17.84
C GLU C 181 8.80 -15.35 -17.85
N LEU C 182 8.16 -16.18 -17.01
CA LEU C 182 6.68 -16.16 -16.96
C LEU C 182 6.17 -15.04 -16.02
N LEU C 183 7.06 -14.45 -15.26
CA LEU C 183 6.62 -13.51 -14.21
C LEU C 183 6.55 -12.13 -14.85
N PRO C 184 5.76 -11.25 -14.26
CA PRO C 184 5.56 -9.84 -14.75
C PRO C 184 6.69 -8.95 -14.28
N GLU C 185 6.56 -7.72 -14.78
CA GLU C 185 7.43 -6.66 -14.29
C GLU C 185 7.22 -6.37 -12.82
N ARG C 186 8.29 -5.98 -12.14
CA ARG C 186 8.19 -5.41 -10.81
C ARG C 186 7.56 -6.47 -9.85
N THR C 187 8.20 -7.65 -9.83
CA THR C 187 7.73 -8.71 -8.94
C THR C 187 7.80 -8.35 -7.50
N ALA C 188 8.52 -7.27 -7.15
CA ALA C 188 8.52 -6.88 -5.71
C ALA C 188 7.13 -6.32 -5.31
N GLU C 189 6.24 -6.07 -6.25
CA GLU C 189 4.93 -5.48 -5.96
C GLU C 189 3.92 -6.59 -6.08
N TYR C 190 3.33 -6.92 -4.94
CA TYR C 190 2.37 -8.04 -4.89
C TYR C 190 1.36 -7.79 -3.79
N TYR C 191 0.24 -8.60 -3.93
CA TYR C 191 -0.73 -8.85 -2.88
C TYR C 191 -0.41 -10.13 -2.16
N ARG C 192 -0.59 -10.14 -0.83
CA ARG C 192 -0.36 -11.39 -0.05
C ARG C 192 -1.53 -11.64 0.88
N TYR C 193 -2.05 -12.86 0.82
CA TYR C 193 -3.05 -13.22 1.85
C TYR C 193 -3.08 -14.70 2.10
N ARG C 194 -3.71 -15.12 3.22
CA ARG C 194 -3.86 -16.53 3.51
C ARG C 194 -5.19 -17.04 2.90
N GLY C 195 -5.11 -18.15 2.14
CA GLY C 195 -6.33 -18.67 1.54
C GLY C 195 -6.20 -20.16 1.28
N SER C 196 -6.76 -20.56 0.14
CA SER C 196 -6.97 -22.01 -0.06
C SER C 196 -6.62 -22.40 -1.47
N LEU C 197 -6.58 -23.72 -1.67
CA LEU C 197 -6.60 -24.26 -3.08
C LEU C 197 -7.93 -23.79 -3.72
N THR C 198 -7.87 -23.39 -4.99
CA THR C 198 -9.09 -22.89 -5.65
C THR C 198 -9.88 -23.99 -6.44
N THR C 199 -9.40 -25.25 -6.29
CA THR C 199 -10.13 -26.40 -6.81
C THR C 199 -10.24 -27.44 -5.67
N PRO C 200 -11.24 -28.33 -5.85
CA PRO C 200 -11.22 -29.48 -4.83
C PRO C 200 -9.81 -30.04 -4.69
N PRO C 201 -9.33 -30.36 -3.47
CA PRO C 201 -10.12 -30.41 -2.24
C PRO C 201 -10.23 -29.10 -1.47
N CYS C 202 -9.78 -27.94 -2.03
CA CYS C 202 -10.00 -26.62 -1.38
C CYS C 202 -9.34 -26.39 -0.01
N ASN C 203 -8.22 -27.08 0.24
N ASN C 203 -8.30 -27.19 0.29
CA ASN C 203 -7.63 -27.00 1.56
CA ASN C 203 -7.69 -27.14 1.63
C ASN C 203 -7.21 -25.57 1.91
C ASN C 203 -7.28 -25.67 1.89
N PRO C 204 -7.53 -25.11 3.11
CA PRO C 204 -7.21 -23.72 3.49
C PRO C 204 -5.75 -23.57 3.96
N THR C 205 -4.84 -23.95 3.07
CA THR C 205 -3.42 -24.17 3.53
C THR C 205 -2.45 -23.38 2.66
N VAL C 206 -3.03 -22.48 1.84
CA VAL C 206 -2.16 -21.72 0.87
C VAL C 206 -1.87 -20.29 1.27
N LEU C 207 -0.58 -19.96 1.28
CA LEU C 207 -0.09 -18.56 1.36
C LEU C 207 -0.08 -18.07 -0.11
N TRP C 208 -1.00 -17.16 -0.44
CA TRP C 208 -1.07 -16.61 -1.83
C TRP C 208 -0.20 -15.37 -2.02
N THR C 209 0.45 -15.28 -3.20
CA THR C 209 1.20 -14.06 -3.58
C THR C 209 0.71 -13.83 -5.00
N VAL C 210 -0.06 -12.73 -5.18
CA VAL C 210 -0.55 -12.40 -6.50
C VAL C 210 0.22 -11.17 -6.99
N PHE C 211 0.93 -11.29 -8.10
CA PHE C 211 1.71 -10.10 -8.49
C PHE C 211 0.82 -8.99 -8.93
N ARG C 212 1.28 -7.76 -8.67
CA ARG C 212 0.45 -6.62 -9.01
C ARG C 212 0.19 -6.47 -10.52
N ASN C 213 1.23 -6.69 -11.31
CA ASN C 213 1.18 -6.38 -12.76
C ASN C 213 0.91 -7.65 -13.53
N PRO C 214 0.05 -7.55 -14.57
CA PRO C 214 -0.19 -8.70 -15.42
C PRO C 214 0.91 -8.82 -16.47
N VAL C 215 0.95 -10.01 -17.07
CA VAL C 215 1.69 -10.29 -18.32
C VAL C 215 0.72 -10.29 -19.50
N GLN C 216 1.25 -10.20 -20.73
CA GLN C 216 0.43 -10.27 -21.92
C GLN C 216 0.75 -11.51 -22.71
N ILE C 217 -0.32 -12.11 -23.28
CA ILE C 217 -0.13 -13.11 -24.32
C ILE C 217 -1.03 -12.62 -25.56
N SER C 218 -0.72 -13.19 -26.72
CA SER C 218 -1.47 -12.64 -27.89
C SER C 218 -2.86 -13.20 -28.01
N GLN C 219 -3.65 -12.60 -28.95
CA GLN C 219 -4.97 -13.15 -29.18
C GLN C 219 -4.91 -14.56 -29.61
N GLU C 220 -3.92 -14.94 -30.44
CA GLU C 220 -3.89 -16.32 -30.91
C GLU C 220 -3.46 -17.28 -29.83
N GLN C 221 -2.53 -16.81 -28.98
CA GLN C 221 -2.12 -17.68 -27.84
C GLN C 221 -3.31 -17.92 -26.93
N LEU C 222 -4.07 -16.86 -26.60
CA LEU C 222 -5.23 -16.99 -25.77
C LEU C 222 -6.23 -17.91 -26.39
N LEU C 223 -6.55 -17.74 -27.70
CA LEU C 223 -7.57 -18.58 -28.32
C LEU C 223 -7.04 -20.04 -28.35
N ALA C 224 -5.71 -20.27 -28.57
CA ALA C 224 -5.21 -21.69 -28.52
C ALA C 224 -5.46 -22.28 -27.16
N LEU C 225 -5.09 -21.54 -26.11
CA LEU C 225 -5.33 -22.06 -24.71
C LEU C 225 -6.82 -22.41 -24.47
N GLU C 226 -7.73 -21.54 -25.01
CA GLU C 226 -9.15 -21.71 -24.76
C GLU C 226 -9.77 -22.84 -25.61
N THR C 227 -9.12 -23.26 -26.71
CA THR C 227 -9.82 -24.16 -27.68
C THR C 227 -9.06 -25.44 -27.92
N ALA C 228 -7.84 -25.57 -27.39
CA ALA C 228 -7.05 -26.77 -27.72
C ALA C 228 -7.46 -28.06 -26.95
N LEU C 229 -7.98 -27.86 -25.73
CA LEU C 229 -8.05 -28.93 -24.76
C LEU C 229 -9.43 -29.37 -24.38
N TYR C 230 -9.51 -30.67 -24.06
CA TYR C 230 -10.78 -31.31 -23.60
C TYR C 230 -10.54 -31.88 -22.17
N CYS C 231 -11.63 -31.90 -21.38
CA CYS C 231 -11.59 -32.48 -20.04
C CYS C 231 -11.60 -33.98 -20.04
N THR C 232 -12.07 -34.48 -21.17
CA THR C 232 -12.31 -35.92 -21.37
C THR C 232 -11.20 -36.71 -22.10
N HIS C 233 -11.15 -38.03 -21.92
CA HIS C 233 -10.27 -38.90 -22.68
C HIS C 233 -10.60 -38.91 -24.16
N MET C 234 -9.60 -39.27 -24.94
CA MET C 234 -9.64 -39.21 -26.41
C MET C 234 -10.82 -39.85 -27.14
N ASP C 235 -11.51 -40.75 -26.50
CA ASP C 235 -12.65 -41.31 -27.23
C ASP C 235 -13.96 -41.28 -26.39
N ASP C 236 -14.13 -40.25 -25.58
CA ASP C 236 -15.23 -40.27 -24.64
C ASP C 236 -16.59 -40.09 -25.38
N PRO C 237 -17.61 -40.92 -25.04
CA PRO C 237 -18.96 -40.76 -25.65
C PRO C 237 -19.59 -39.36 -25.42
N SER C 238 -19.10 -38.66 -24.37
CA SER C 238 -19.70 -37.40 -23.96
C SER C 238 -18.51 -36.39 -23.80
N PRO C 239 -17.88 -35.98 -24.91
CA PRO C 239 -16.71 -34.98 -24.74
C PRO C 239 -17.07 -33.65 -24.07
N ARG C 240 -16.09 -33.07 -23.32
CA ARG C 240 -16.42 -31.82 -22.63
C ARG C 240 -15.15 -30.95 -22.93
N GLU C 241 -15.37 -29.77 -23.57
CA GLU C 241 -14.25 -28.80 -23.80
C GLU C 241 -13.73 -28.25 -22.48
N MET C 242 -12.40 -28.13 -22.38
CA MET C 242 -11.80 -27.57 -21.20
C MET C 242 -11.79 -26.02 -21.31
N ILE C 243 -12.91 -25.46 -20.87
CA ILE C 243 -13.16 -24.00 -20.87
C ILE C 243 -13.67 -23.54 -19.47
N ASN C 244 -13.50 -22.22 -19.20
CA ASN C 244 -14.12 -21.68 -17.99
C ASN C 244 -13.72 -22.45 -16.74
N ASN C 245 -12.43 -22.80 -16.67
CA ASN C 245 -11.93 -23.60 -15.52
C ASN C 245 -11.35 -22.65 -14.48
N PHE C 246 -12.19 -21.74 -14.01
CA PHE C 246 -11.83 -20.82 -12.95
C PHE C 246 -12.99 -20.84 -11.94
N ARG C 247 -12.63 -20.58 -10.70
CA ARG C 247 -13.70 -20.45 -9.64
C ARG C 247 -14.15 -19.01 -9.48
N GLN C 248 -15.44 -18.79 -9.20
CA GLN C 248 -15.90 -17.44 -8.81
C GLN C 248 -15.16 -17.01 -7.56
N VAL C 249 -15.07 -15.62 -7.48
CA VAL C 249 -14.46 -15.06 -6.22
C VAL C 249 -15.33 -15.29 -4.96
N GLN C 250 -14.66 -15.46 -3.80
CA GLN C 250 -15.27 -15.82 -2.57
C GLN C 250 -15.53 -14.63 -1.65
N LYS C 251 -16.44 -14.83 -0.68
CA LYS C 251 -16.59 -13.81 0.34
C LYS C 251 -15.24 -13.60 1.05
N PHE C 252 -15.03 -12.33 1.54
CA PHE C 252 -13.72 -12.05 2.20
C PHE C 252 -14.03 -10.92 3.10
N ASP C 253 -14.40 -11.34 4.29
CA ASP C 253 -14.92 -10.40 5.39
C ASP C 253 -14.14 -10.58 6.60
N GLU C 254 -13.90 -9.43 7.28
CA GLU C 254 -13.15 -9.24 8.56
C GLU C 254 -11.69 -9.64 8.35
N ARG C 255 -11.23 -9.51 7.12
N ARG C 255 -11.26 -9.64 7.09
CA ARG C 255 -9.84 -9.87 6.78
CA ARG C 255 -9.84 -10.00 6.70
C ARG C 255 -9.30 -8.86 5.84
C ARG C 255 -9.32 -9.10 5.63
N LEU C 256 -7.98 -8.95 5.65
CA LEU C 256 -7.28 -8.01 4.79
C LEU C 256 -6.31 -8.76 3.88
N VAL C 257 -6.09 -8.06 2.80
CA VAL C 257 -5.01 -8.45 1.88
C VAL C 257 -3.88 -7.39 2.15
N TYR C 258 -2.66 -7.96 2.29
CA TYR C 258 -1.49 -7.09 2.54
C TYR C 258 -0.82 -6.79 1.22
N THR C 259 -0.38 -5.55 1.04
CA THR C 259 0.28 -5.22 -0.19
C THR C 259 1.76 -4.73 0.09
N SER C 260 2.64 -4.99 -0.87
CA SER C 260 4.04 -4.52 -0.78
C SER C 260 4.15 -3.16 -1.48
N PHE C 261 3.10 -2.66 -2.09
CA PHE C 261 3.06 -1.33 -2.73
C PHE C 261 1.96 -0.52 -2.03
N SER C 262 1.97 0.82 -2.16
N SER C 262 2.04 0.82 -2.13
CA SER C 262 0.92 1.60 -1.44
CA SER C 262 0.92 1.62 -1.55
C SER C 262 0.02 2.26 -2.48
C SER C 262 0.11 1.92 -2.79
N GLN C 263 -1.18 1.70 -2.64
CA GLN C 263 -2.11 2.06 -3.72
C GLN C 263 -2.60 3.50 -3.45
N LYS D 3 -30.96 -23.37 9.02
N LYS D 3 -31.05 -24.84 8.39
CA LYS D 3 -29.68 -22.79 9.55
CA LYS D 3 -30.03 -23.74 8.67
C LYS D 3 -28.72 -22.23 8.47
C LYS D 3 -29.18 -23.23 7.51
N TRP D 4 -29.22 -21.91 7.26
CA TRP D 4 -28.34 -21.33 6.24
C TRP D 4 -27.99 -19.89 6.66
N THR D 5 -26.78 -19.46 6.28
CA THR D 5 -26.24 -18.14 6.55
C THR D 5 -25.48 -17.57 5.37
N TYR D 6 -24.90 -16.36 5.51
CA TYR D 6 -23.95 -15.87 4.56
C TYR D 6 -22.49 -15.88 4.99
N PHE D 7 -22.24 -16.54 6.13
CA PHE D 7 -20.90 -16.50 6.66
C PHE D 7 -20.56 -17.72 7.45
N GLY D 8 -19.46 -18.34 7.03
CA GLY D 8 -18.96 -19.47 7.90
C GLY D 8 -19.41 -20.85 7.33
N PRO D 9 -19.48 -21.90 8.17
CA PRO D 9 -19.77 -23.27 7.73
C PRO D 9 -21.08 -23.53 7.00
N ASP D 10 -22.07 -22.68 7.23
CA ASP D 10 -23.38 -22.89 6.68
C ASP D 10 -23.63 -21.77 5.58
N GLY D 11 -22.57 -21.07 5.16
CA GLY D 11 -22.71 -20.04 4.11
C GLY D 11 -22.88 -20.57 2.70
N GLU D 12 -22.74 -19.72 1.70
CA GLU D 12 -23.38 -20.02 0.43
C GLU D 12 -22.78 -21.21 -0.31
N ASN D 13 -21.47 -21.52 -0.14
CA ASN D 13 -20.96 -22.71 -0.84
C ASN D 13 -21.59 -23.95 -0.30
N SER D 14 -22.26 -23.94 0.83
CA SER D 14 -22.92 -25.18 1.42
C SER D 14 -24.39 -25.19 1.27
N TRP D 15 -25.02 -24.13 0.70
CA TRP D 15 -26.48 -24.10 0.55
C TRP D 15 -26.96 -25.32 -0.26
N SER D 16 -26.20 -25.79 -1.28
CA SER D 16 -26.72 -26.87 -2.13
C SER D 16 -26.83 -28.21 -1.35
N LYS D 17 -26.21 -28.36 -0.19
CA LYS D 17 -26.38 -29.66 0.53
C LYS D 17 -27.83 -29.87 0.86
N LYS D 18 -28.53 -28.88 1.42
CA LYS D 18 -29.94 -29.04 1.85
C LYS D 18 -30.90 -28.43 0.87
N TYR D 19 -30.43 -27.58 -0.10
CA TYR D 19 -31.29 -26.85 -1.03
C TYR D 19 -30.69 -27.07 -2.44
N PRO D 20 -30.90 -28.25 -3.07
CA PRO D 20 -30.13 -28.62 -4.29
C PRO D 20 -30.19 -27.61 -5.44
N SER D 21 -31.32 -26.84 -5.51
CA SER D 21 -31.43 -25.89 -6.58
C SER D 21 -30.32 -24.82 -6.50
N CYS D 22 -29.77 -24.66 -5.29
CA CYS D 22 -28.67 -23.64 -5.19
C CYS D 22 -27.42 -24.04 -5.93
N GLY D 23 -27.30 -25.37 -6.32
CA GLY D 23 -26.19 -25.78 -7.24
C GLY D 23 -26.74 -26.18 -8.62
N GLY D 24 -27.95 -25.71 -8.92
CA GLY D 24 -28.62 -26.01 -10.18
C GLY D 24 -28.51 -24.94 -11.25
N LEU D 25 -29.45 -24.97 -12.17
CA LEU D 25 -29.47 -24.10 -13.32
C LEU D 25 -29.99 -22.68 -12.99
N LEU D 26 -29.65 -21.76 -13.89
CA LEU D 26 -30.23 -20.37 -13.94
C LEU D 26 -29.98 -19.61 -12.62
N GLN D 27 -28.85 -19.81 -11.98
CA GLN D 27 -28.71 -19.11 -10.66
C GLN D 27 -28.38 -17.64 -10.86
N SER D 28 -28.87 -16.88 -9.85
CA SER D 28 -28.67 -15.38 -9.73
C SER D 28 -27.92 -15.14 -8.44
N PRO D 29 -27.29 -13.94 -8.24
CA PRO D 29 -27.18 -12.84 -9.14
C PRO D 29 -26.02 -13.03 -10.09
N ILE D 30 -25.85 -12.07 -10.99
CA ILE D 30 -24.81 -12.19 -12.04
C ILE D 30 -24.16 -10.85 -12.23
N ASP D 31 -22.99 -10.87 -12.93
CA ASP D 31 -22.33 -9.60 -13.34
C ASP D 31 -22.86 -9.22 -14.71
N LEU D 32 -23.42 -8.02 -14.75
CA LEU D 32 -24.01 -7.48 -16.01
C LEU D 32 -22.85 -6.76 -16.74
N HIS D 33 -22.36 -7.38 -17.84
CA HIS D 33 -21.19 -6.96 -18.50
C HIS D 33 -21.39 -7.21 -20.01
N SER D 34 -20.60 -6.47 -20.80
CA SER D 34 -20.87 -6.33 -22.22
C SER D 34 -20.91 -7.65 -22.98
N ASP D 35 -20.10 -8.69 -22.64
CA ASP D 35 -20.03 -9.99 -23.37
C ASP D 35 -21.31 -10.77 -23.40
N ILE D 36 -22.15 -10.49 -22.41
CA ILE D 36 -23.41 -11.22 -22.21
C ILE D 36 -24.71 -10.42 -22.45
N LEU D 37 -24.52 -9.17 -22.87
CA LEU D 37 -25.69 -8.22 -23.10
C LEU D 37 -26.12 -8.27 -24.55
N GLN D 38 -27.40 -8.10 -24.74
CA GLN D 38 -27.94 -7.96 -26.16
C GLN D 38 -29.15 -7.03 -26.11
N TYR D 39 -29.17 -5.97 -26.92
CA TYR D 39 -30.38 -5.09 -27.01
C TYR D 39 -31.49 -5.91 -27.63
N ASP D 40 -32.65 -5.78 -27.01
CA ASP D 40 -33.93 -6.38 -27.45
C ASP D 40 -34.97 -5.29 -27.62
N ALA D 41 -35.23 -4.94 -28.90
CA ALA D 41 -36.17 -3.85 -29.17
C ALA D 41 -37.66 -4.07 -28.86
N SER D 42 -37.98 -5.31 -28.52
N SER D 42 -37.99 -5.33 -28.56
CA SER D 42 -39.35 -5.66 -28.21
CA SER D 42 -39.35 -5.72 -28.21
C SER D 42 -39.68 -5.43 -26.72
C SER D 42 -39.64 -5.62 -26.71
N LEU D 43 -38.63 -5.27 -25.91
CA LEU D 43 -38.85 -5.15 -24.41
C LEU D 43 -39.61 -3.81 -24.27
N THR D 44 -40.65 -3.78 -23.45
CA THR D 44 -41.42 -2.54 -23.32
C THR D 44 -41.45 -2.09 -21.85
N PRO D 45 -41.76 -0.81 -21.62
CA PRO D 45 -41.70 -0.28 -20.24
C PRO D 45 -42.71 -0.97 -19.36
N LEU D 46 -42.30 -1.24 -18.16
CA LEU D 46 -43.23 -1.76 -17.15
C LEU D 46 -44.16 -0.60 -16.66
N GLU D 47 -45.38 -0.97 -16.39
CA GLU D 47 -46.27 -0.08 -15.69
C GLU D 47 -46.56 -0.61 -14.26
N PHE D 48 -46.52 0.31 -13.29
CA PHE D 48 -46.63 -0.06 -11.89
C PHE D 48 -48.03 0.33 -11.44
N GLN D 49 -48.79 -0.64 -10.95
CA GLN D 49 -50.25 -0.45 -10.64
C GLN D 49 -50.44 -0.69 -9.14
N GLY D 50 -51.12 0.24 -8.48
CA GLY D 50 -51.41 0.07 -7.08
C GLY D 50 -50.21 0.15 -6.16
N TYR D 51 -49.13 0.72 -6.68
CA TYR D 51 -47.96 0.91 -5.84
C TYR D 51 -48.17 2.00 -4.80
N ASN D 52 -49.14 2.94 -5.02
CA ASN D 52 -49.39 3.99 -4.03
C ASN D 52 -50.26 3.45 -2.91
N LEU D 53 -49.62 2.75 -1.98
CA LEU D 53 -50.35 2.00 -0.92
C LEU D 53 -51.01 3.00 0.06
N SER D 54 -52.27 2.66 0.38
CA SER D 54 -53.08 3.62 1.21
C SER D 54 -52.31 3.85 2.54
N ALA D 55 -52.15 5.13 2.90
CA ALA D 55 -51.55 5.43 4.19
C ALA D 55 -52.46 5.04 5.37
N ASN D 56 -53.74 4.82 5.11
CA ASN D 56 -54.63 4.36 6.18
C ASN D 56 -54.62 2.89 6.41
N LYS D 57 -53.88 2.15 5.54
CA LYS D 57 -53.67 0.75 5.76
C LYS D 57 -52.26 0.52 6.35
N GLN D 58 -52.08 -0.69 6.84
CA GLN D 58 -50.78 -1.03 7.48
C GLN D 58 -50.20 -2.28 6.79
N PHE D 59 -48.81 -2.33 6.85
CA PHE D 59 -48.08 -3.40 6.19
C PHE D 59 -46.98 -3.93 7.06
N LEU D 60 -46.87 -5.21 7.12
CA LEU D 60 -46.00 -5.78 8.15
C LEU D 60 -44.52 -5.74 7.74
N LEU D 61 -43.67 -5.16 8.54
CA LEU D 61 -42.20 -5.23 8.46
C LEU D 61 -41.68 -6.32 9.37
N THR D 62 -40.86 -7.23 8.85
CA THR D 62 -40.39 -8.39 9.64
C THR D 62 -38.85 -8.55 9.43
N ASN D 63 -38.12 -8.88 10.50
CA ASN D 63 -36.74 -9.36 10.35
C ASN D 63 -36.86 -10.87 10.30
N ASN D 64 -36.56 -11.44 9.10
CA ASN D 64 -36.72 -12.93 8.94
C ASN D 64 -35.45 -13.72 9.20
N GLY D 65 -34.48 -13.03 9.83
CA GLY D 65 -33.14 -13.68 10.07
C GLY D 65 -32.16 -13.62 8.92
N HIS D 66 -32.62 -13.10 7.75
CA HIS D 66 -31.75 -13.00 6.54
C HIS D 66 -31.80 -11.62 5.89
N SER D 67 -32.96 -10.90 6.08
CA SER D 67 -33.05 -9.50 5.60
C SER D 67 -34.16 -8.80 6.40
N VAL D 68 -34.44 -7.52 6.03
CA VAL D 68 -35.65 -6.89 6.58
C VAL D 68 -36.66 -6.92 5.38
N LYS D 69 -37.86 -7.47 5.63
CA LYS D 69 -38.89 -7.56 4.57
C LYS D 69 -40.13 -6.79 4.94
N LEU D 70 -40.74 -6.14 3.91
CA LEU D 70 -42.00 -5.44 4.07
C LEU D 70 -43.04 -6.19 3.24
N ASN D 71 -44.05 -6.78 3.87
CA ASN D 71 -45.10 -7.50 3.11
C ASN D 71 -45.85 -6.47 2.27
N LEU D 72 -46.26 -6.91 1.07
CA LEU D 72 -46.95 -6.03 0.10
C LEU D 72 -48.25 -6.75 -0.29
N PRO D 73 -49.27 -5.96 -0.70
CA PRO D 73 -50.58 -6.55 -1.02
C PRO D 73 -50.63 -7.06 -2.47
N SER D 74 -51.53 -8.08 -2.68
CA SER D 74 -51.60 -8.63 -4.04
C SER D 74 -52.38 -7.71 -5.00
N ASP D 75 -52.94 -6.61 -4.51
CA ASP D 75 -53.52 -5.58 -5.40
C ASP D 75 -52.50 -4.65 -6.03
N MET D 76 -51.23 -4.85 -5.70
CA MET D 76 -50.14 -4.14 -6.35
C MET D 76 -49.65 -5.01 -7.47
N HIS D 77 -49.53 -4.45 -8.72
CA HIS D 77 -49.25 -5.29 -9.90
C HIS D 77 -48.22 -4.64 -10.81
N ILE D 78 -47.59 -5.46 -11.64
CA ILE D 78 -46.86 -4.91 -12.76
C ILE D 78 -47.53 -5.41 -14.04
N GLN D 79 -47.62 -4.48 -14.99
CA GLN D 79 -48.00 -4.77 -16.38
C GLN D 79 -46.84 -4.56 -17.35
N GLY D 80 -46.79 -5.37 -18.41
CA GLY D 80 -45.70 -5.27 -19.34
C GLY D 80 -44.94 -6.59 -19.50
N LEU D 81 -45.25 -7.62 -18.68
CA LEU D 81 -44.76 -8.97 -18.96
C LEU D 81 -45.86 -9.80 -19.63
N GLN D 82 -45.51 -11.00 -20.08
CA GLN D 82 -46.57 -11.72 -20.80
C GLN D 82 -47.71 -12.14 -19.93
N SER D 83 -47.42 -12.39 -18.62
CA SER D 83 -48.49 -12.51 -17.65
C SER D 83 -48.52 -11.32 -16.68
N ARG D 84 -49.63 -11.15 -15.99
CA ARG D 84 -49.70 -10.16 -14.93
C ARG D 84 -49.07 -10.79 -13.67
N TYR D 85 -48.33 -9.94 -12.99
CA TYR D 85 -47.68 -10.33 -11.72
C TYR D 85 -48.16 -9.45 -10.60
N SER D 86 -48.24 -10.00 -9.42
CA SER D 86 -48.80 -9.24 -8.26
C SER D 86 -47.74 -9.30 -7.14
N ALA D 87 -47.65 -8.22 -6.37
CA ALA D 87 -46.58 -8.10 -5.35
C ALA D 87 -46.85 -9.04 -4.21
N THR D 88 -45.73 -9.45 -3.58
CA THR D 88 -45.77 -10.15 -2.27
C THR D 88 -44.92 -9.52 -1.14
N GLN D 89 -43.73 -9.00 -1.48
CA GLN D 89 -42.90 -8.34 -0.40
C GLN D 89 -41.76 -7.64 -1.06
N LEU D 90 -41.12 -6.73 -0.31
CA LEU D 90 -39.83 -6.20 -0.73
C LEU D 90 -38.85 -6.37 0.44
N HIS D 91 -37.55 -6.29 0.07
CA HIS D 91 -36.46 -6.42 1.08
C HIS D 91 -35.19 -5.95 0.47
N LEU D 92 -34.10 -5.94 1.24
CA LEU D 92 -32.85 -5.37 0.74
C LEU D 92 -31.65 -6.34 1.07
N HIS D 93 -30.57 -6.03 0.38
CA HIS D 93 -29.24 -6.72 0.60
C HIS D 93 -28.17 -5.62 0.70
N TRP D 94 -27.17 -5.89 1.61
CA TRP D 94 -26.13 -4.87 1.83
C TRP D 94 -24.86 -5.54 2.34
N GLY D 95 -23.83 -4.65 2.48
CA GLY D 95 -22.45 -5.06 2.80
C GLY D 95 -22.18 -4.88 4.31
N ASN D 96 -21.09 -4.11 4.54
CA ASN D 96 -20.77 -3.87 5.95
C ASN D 96 -19.98 -2.56 6.03
N PRO D 97 -19.88 -2.00 7.29
CA PRO D 97 -19.31 -0.65 7.32
C PRO D 97 -17.89 -0.47 6.78
N ASN D 98 -17.08 -1.50 6.87
CA ASN D 98 -15.73 -1.33 6.28
C ASN D 98 -15.64 -1.60 4.82
N ASP D 99 -16.68 -2.28 4.25
CA ASP D 99 -16.67 -2.56 2.81
C ASP D 99 -18.12 -2.42 2.37
N PRO D 100 -18.57 -1.16 2.18
CA PRO D 100 -20.00 -0.83 1.99
C PRO D 100 -20.43 -0.98 0.51
N HIS D 101 -20.27 -2.21 0.06
CA HIS D 101 -20.52 -2.57 -1.40
C HIS D 101 -21.17 -3.94 -1.50
N GLY D 102 -22.45 -3.97 -1.12
CA GLY D 102 -23.14 -5.24 -0.91
C GLY D 102 -24.41 -5.41 -1.82
N SER D 103 -24.42 -4.79 -3.00
CA SER D 103 -25.51 -5.21 -3.93
C SER D 103 -25.23 -6.67 -4.35
N GLU D 104 -26.32 -7.27 -4.87
CA GLU D 104 -26.22 -8.62 -5.40
C GLU D 104 -25.74 -8.63 -6.83
N HIS D 105 -26.48 -7.97 -7.70
CA HIS D 105 -25.93 -7.77 -9.06
C HIS D 105 -24.79 -6.77 -9.09
N THR D 106 -23.91 -7.02 -10.06
CA THR D 106 -22.75 -6.09 -10.32
C THR D 106 -22.87 -5.60 -11.78
N VAL D 107 -22.37 -4.38 -12.07
CA VAL D 107 -22.37 -3.91 -13.44
C VAL D 107 -20.91 -3.63 -13.84
N SER D 108 -20.50 -4.36 -14.89
CA SER D 108 -19.06 -4.36 -15.35
C SER D 108 -18.09 -4.54 -14.15
N GLY D 109 -18.47 -5.49 -13.28
CA GLY D 109 -17.62 -5.95 -12.19
C GLY D 109 -17.82 -5.15 -10.90
N GLN D 110 -18.59 -4.07 -10.95
CA GLN D 110 -18.70 -3.21 -9.77
C GLN D 110 -19.96 -3.48 -8.95
N HIS D 111 -19.78 -3.62 -7.61
CA HIS D 111 -20.85 -3.64 -6.72
C HIS D 111 -21.39 -2.27 -6.54
N PHE D 112 -22.61 -2.14 -6.26
CA PHE D 112 -23.23 -0.98 -5.66
C PHE D 112 -23.34 -1.14 -4.15
N ALA D 113 -23.69 -0.05 -3.43
CA ALA D 113 -23.70 -0.15 -2.01
C ALA D 113 -24.68 -1.14 -1.47
N ALA D 114 -25.86 -1.19 -2.11
CA ALA D 114 -26.93 -2.14 -1.61
C ALA D 114 -27.90 -2.38 -2.78
N GLU D 115 -28.92 -3.21 -2.54
CA GLU D 115 -29.92 -3.50 -3.59
C GLU D 115 -31.27 -3.76 -2.94
N LEU D 116 -32.29 -3.17 -3.56
CA LEU D 116 -33.68 -3.41 -3.17
C LEU D 116 -34.31 -4.46 -4.14
N HIS D 117 -35.07 -5.40 -3.59
CA HIS D 117 -35.81 -6.34 -4.46
C HIS D 117 -37.33 -6.21 -4.13
N ILE D 118 -38.13 -5.98 -5.19
CA ILE D 118 -39.61 -5.93 -5.07
C ILE D 118 -40.10 -7.23 -5.76
N VAL D 119 -40.59 -8.14 -4.90
CA VAL D 119 -40.89 -9.53 -5.34
C VAL D 119 -42.36 -9.62 -5.73
N HIS D 120 -42.63 -10.23 -6.89
CA HIS D 120 -43.99 -10.45 -7.40
C HIS D 120 -44.11 -11.93 -7.79
N TYR D 121 -45.37 -12.38 -7.86
CA TYR D 121 -45.64 -13.78 -8.33
C TYR D 121 -46.67 -13.67 -9.48
N ASN D 122 -46.70 -14.72 -10.30
CA ASN D 122 -47.57 -14.80 -11.47
C ASN D 122 -49.05 -15.12 -11.05
N SER D 123 -49.85 -14.02 -10.97
CA SER D 123 -51.21 -14.14 -10.44
C SER D 123 -52.14 -14.56 -11.53
N ASP D 124 -51.67 -14.65 -12.78
CA ASP D 124 -52.58 -15.22 -13.84
C ASP D 124 -52.47 -16.73 -13.73
N LEU D 125 -51.33 -17.28 -13.32
CA LEU D 125 -51.16 -18.75 -13.28
C LEU D 125 -51.39 -19.33 -11.91
N TYR D 126 -51.06 -18.59 -10.82
CA TYR D 126 -50.96 -19.17 -9.49
C TYR D 126 -51.72 -18.31 -8.49
N PRO D 127 -52.24 -18.93 -7.44
CA PRO D 127 -53.06 -18.25 -6.49
C PRO D 127 -52.34 -17.41 -5.45
N ASP D 128 -51.04 -17.68 -5.25
CA ASP D 128 -50.29 -17.01 -4.16
C ASP D 128 -48.78 -17.27 -4.44
N ALA D 129 -47.95 -16.46 -3.71
CA ALA D 129 -46.55 -16.52 -3.96
C ALA D 129 -45.95 -17.85 -3.53
N SER D 130 -46.46 -18.45 -2.42
CA SER D 130 -45.90 -19.70 -1.97
C SER D 130 -46.10 -20.79 -3.05
N THR D 131 -47.30 -20.84 -3.61
CA THR D 131 -47.57 -21.83 -4.70
C THR D 131 -46.74 -21.51 -5.93
N ALA D 132 -46.58 -20.20 -6.24
CA ALA D 132 -45.81 -19.80 -7.48
C ALA D 132 -44.31 -20.06 -7.36
N SER D 133 -43.79 -20.11 -6.10
N SER D 133 -43.79 -20.13 -6.13
CA SER D 133 -42.36 -19.91 -5.85
CA SER D 133 -42.36 -19.99 -5.95
C SER D 133 -41.46 -20.90 -6.56
C SER D 133 -41.57 -21.13 -6.63
N ASN D 134 -41.89 -22.18 -6.62
N ASN D 134 -42.11 -22.36 -6.70
CA ASN D 134 -41.09 -23.26 -7.27
CA ASN D 134 -41.30 -23.39 -7.32
C ASN D 134 -41.74 -23.76 -8.60
C ASN D 134 -42.03 -23.91 -8.54
N LYS D 135 -42.59 -22.95 -9.23
CA LYS D 135 -43.30 -23.31 -10.47
C LYS D 135 -42.83 -22.54 -11.68
N SER D 136 -42.96 -23.15 -12.84
CA SER D 136 -42.66 -22.41 -14.11
C SER D 136 -43.32 -21.06 -14.17
N GLU D 137 -42.49 -20.07 -14.57
CA GLU D 137 -42.93 -18.69 -14.75
C GLU D 137 -43.47 -18.10 -13.45
N GLY D 138 -42.97 -18.55 -12.31
CA GLY D 138 -43.69 -18.19 -11.11
C GLY D 138 -43.44 -16.83 -10.58
N LEU D 139 -42.24 -16.31 -10.76
CA LEU D 139 -41.90 -15.08 -10.06
C LEU D 139 -41.29 -14.03 -10.92
N ALA D 140 -41.39 -12.79 -10.49
CA ALA D 140 -40.70 -11.62 -11.20
C ALA D 140 -40.23 -10.68 -10.11
N VAL D 141 -38.94 -10.38 -10.09
CA VAL D 141 -38.43 -9.46 -9.07
C VAL D 141 -37.85 -8.22 -9.81
N LEU D 142 -38.14 -7.07 -9.21
CA LEU D 142 -37.55 -5.81 -9.72
C LEU D 142 -36.37 -5.56 -8.76
N ALA D 143 -35.20 -5.24 -9.33
CA ALA D 143 -34.02 -4.86 -8.54
C ALA D 143 -33.63 -3.42 -8.78
N VAL D 144 -33.46 -2.70 -7.66
CA VAL D 144 -33.00 -1.29 -7.74
C VAL D 144 -31.61 -1.27 -7.04
N LEU D 145 -30.63 -0.81 -7.82
CA LEU D 145 -29.25 -0.64 -7.34
C LEU D 145 -29.19 0.62 -6.46
N ILE D 146 -28.47 0.58 -5.33
CA ILE D 146 -28.46 1.78 -4.44
C ILE D 146 -26.99 2.20 -4.23
N GLU D 147 -26.77 3.51 -4.33
CA GLU D 147 -25.38 4.01 -4.11
C GLU D 147 -25.42 5.13 -3.06
N MET D 148 -24.33 5.37 -2.30
N MET D 148 -24.20 5.53 -2.62
CA MET D 148 -24.35 6.46 -1.28
CA MET D 148 -24.15 6.57 -1.66
C MET D 148 -24.30 7.81 -2.05
C MET D 148 -24.42 7.94 -2.34
N GLY D 149 -25.17 8.76 -1.65
CA GLY D 149 -25.34 10.15 -2.16
C GLY D 149 -26.22 10.96 -1.29
N SER D 150 -27.26 11.52 -1.83
CA SER D 150 -28.07 12.39 -1.01
C SER D 150 -29.03 11.63 -0.08
N PHE D 151 -29.48 12.17 1.02
CA PHE D 151 -30.50 11.63 1.86
C PHE D 151 -31.76 11.33 1.07
N ASN D 152 -32.44 10.18 1.29
CA ASN D 152 -33.58 9.80 0.47
C ASN D 152 -34.78 9.61 1.40
N PRO D 153 -35.69 10.60 1.48
CA PRO D 153 -36.79 10.51 2.44
C PRO D 153 -37.67 9.27 2.20
N SER D 154 -37.79 8.86 0.92
CA SER D 154 -38.63 7.73 0.66
C SER D 154 -38.07 6.37 1.20
N TYR D 155 -36.74 6.13 1.07
CA TYR D 155 -36.18 4.99 1.72
C TYR D 155 -36.29 5.08 3.23
N ASP D 156 -36.27 6.36 3.81
CA ASP D 156 -36.40 6.45 5.25
C ASP D 156 -37.78 5.97 5.74
N LYS D 157 -38.79 5.85 4.84
CA LYS D 157 -40.05 5.27 5.26
C LYS D 157 -39.97 3.83 5.62
N ILE D 158 -38.87 3.23 5.21
CA ILE D 158 -38.57 1.89 5.67
C ILE D 158 -37.54 2.03 6.83
N PHE D 159 -36.46 2.79 6.64
CA PHE D 159 -35.27 2.70 7.57
C PHE D 159 -35.62 3.30 8.95
N SER D 160 -36.60 4.18 9.00
CA SER D 160 -36.95 4.81 10.33
C SER D 160 -37.60 3.84 11.26
N HIS D 161 -38.01 2.64 10.84
N HIS D 161 -37.96 2.64 10.79
CA HIS D 161 -38.60 1.70 11.77
CA HIS D 161 -38.63 1.66 11.59
C HIS D 161 -37.63 0.55 12.12
C HIS D 161 -37.73 0.50 11.99
N LEU D 162 -36.44 0.53 11.57
CA LEU D 162 -35.57 -0.64 11.85
C LEU D 162 -35.30 -0.94 13.32
N GLN D 163 -35.30 0.03 14.20
CA GLN D 163 -34.95 -0.33 15.61
C GLN D 163 -36.09 -1.12 16.28
N HIS D 164 -37.22 -1.40 15.60
CA HIS D 164 -38.29 -2.19 16.19
C HIS D 164 -38.26 -3.60 15.66
N VAL D 165 -37.30 -3.89 14.74
CA VAL D 165 -37.23 -5.28 14.16
C VAL D 165 -35.76 -5.75 14.21
N LYS D 166 -35.03 -5.45 15.28
CA LYS D 166 -33.56 -5.64 15.29
C LYS D 166 -33.26 -7.14 15.28
N TYR D 167 -34.11 -7.99 15.91
CA TYR D 167 -33.85 -9.39 16.01
C TYR D 167 -34.78 -10.30 15.23
N LYS D 168 -34.27 -11.50 14.87
CA LYS D 168 -35.09 -12.47 14.12
C LYS D 168 -36.44 -12.70 14.73
N GLY D 169 -37.43 -12.63 13.87
CA GLY D 169 -38.79 -12.97 14.34
C GLY D 169 -39.54 -11.68 14.81
N GLN D 170 -38.85 -10.57 15.08
CA GLN D 170 -39.52 -9.29 15.48
C GLN D 170 -40.23 -8.65 14.29
N GLU D 171 -41.48 -8.22 14.53
N GLU D 171 -41.18 -7.78 14.58
CA GLU D 171 -42.33 -7.61 13.45
CA GLU D 171 -42.14 -7.35 13.56
C GLU D 171 -42.89 -6.28 13.89
C GLU D 171 -42.68 -6.02 13.94
N ALA D 172 -43.12 -5.33 12.94
CA ALA D 172 -43.76 -4.00 13.20
C ALA D 172 -44.61 -3.54 12.06
N PHE D 173 -45.87 -3.21 12.25
CA PHE D 173 -46.70 -2.66 11.13
C PHE D 173 -46.28 -1.28 10.86
N VAL D 174 -46.12 -0.99 9.54
CA VAL D 174 -45.78 0.28 8.86
C VAL D 174 -47.07 0.84 8.13
N PRO D 175 -47.35 2.17 8.14
CA PRO D 175 -48.40 2.68 7.22
C PRO D 175 -47.94 2.53 5.76
N GLY D 176 -48.98 2.41 4.91
CA GLY D 176 -48.65 2.42 3.47
C GLY D 176 -48.02 3.73 3.03
N PHE D 177 -47.21 3.61 1.99
CA PHE D 177 -46.64 4.76 1.31
C PHE D 177 -46.46 4.36 -0.21
N ASN D 178 -46.07 5.35 -1.00
CA ASN D 178 -46.00 5.11 -2.47
C ASN D 178 -44.66 4.37 -2.78
N ILE D 179 -44.80 3.08 -3.02
N ILE D 179 -44.72 3.04 -3.00
CA ILE D 179 -43.65 2.26 -3.31
CA ILE D 179 -43.50 2.27 -3.40
C ILE D 179 -42.92 2.73 -4.56
C ILE D 179 -42.84 2.80 -4.65
N GLU D 180 -43.60 3.44 -5.52
CA GLU D 180 -42.92 3.93 -6.71
C GLU D 180 -41.84 4.93 -6.38
N GLU D 181 -41.95 5.58 -5.18
CA GLU D 181 -40.86 6.53 -4.82
C GLU D 181 -39.48 5.84 -4.59
N LEU D 182 -39.50 4.50 -4.46
CA LEU D 182 -38.29 3.72 -4.28
C LEU D 182 -37.57 3.44 -5.62
N LEU D 183 -38.27 3.72 -6.71
CA LEU D 183 -37.70 3.35 -8.08
C LEU D 183 -36.82 4.48 -8.61
N PRO D 184 -35.87 4.21 -9.47
CA PRO D 184 -34.97 5.20 -10.05
C PRO D 184 -35.57 5.90 -11.23
N GLU D 185 -34.71 6.84 -11.75
CA GLU D 185 -35.09 7.55 -12.97
C GLU D 185 -35.08 6.59 -14.16
N ARG D 186 -35.95 6.90 -15.14
CA ARG D 186 -35.91 6.20 -16.43
C ARG D 186 -36.08 4.69 -16.21
N THR D 187 -37.18 4.32 -15.50
CA THR D 187 -37.40 2.89 -15.34
C THR D 187 -37.56 2.07 -16.66
N ALA D 188 -37.85 2.78 -17.79
CA ALA D 188 -37.91 2.09 -19.06
C ALA D 188 -36.59 1.44 -19.46
N GLU D 189 -35.49 1.90 -18.89
CA GLU D 189 -34.13 1.38 -19.25
C GLU D 189 -33.79 0.30 -18.19
N TYR D 190 -33.61 -0.95 -18.61
CA TYR D 190 -33.34 -2.03 -17.65
C TYR D 190 -32.60 -3.20 -18.36
N TYR D 191 -32.07 -4.09 -17.51
CA TYR D 191 -31.57 -5.39 -17.94
C TYR D 191 -32.60 -6.46 -17.58
N ARG D 192 -32.82 -7.45 -18.45
CA ARG D 192 -33.78 -8.50 -18.20
C ARG D 192 -33.15 -9.86 -18.43
N TYR D 193 -33.35 -10.79 -17.48
CA TYR D 193 -32.88 -12.19 -17.78
C TYR D 193 -33.66 -13.20 -16.93
N ARG D 194 -33.64 -14.47 -17.29
CA ARG D 194 -34.28 -15.50 -16.52
C ARG D 194 -33.19 -16.01 -15.55
N GLY D 195 -33.58 -16.04 -14.26
CA GLY D 195 -32.65 -16.53 -13.25
C GLY D 195 -33.41 -17.12 -12.07
N SER D 196 -32.90 -16.91 -10.85
CA SER D 196 -33.29 -17.71 -9.68
C SER D 196 -33.55 -16.84 -8.45
N LEU D 197 -34.19 -17.38 -7.46
CA LEU D 197 -34.06 -16.76 -6.11
C LEU D 197 -32.58 -16.72 -5.71
N THR D 198 -32.10 -15.66 -5.06
CA THR D 198 -30.67 -15.54 -4.70
C THR D 198 -30.36 -16.05 -3.29
N THR D 199 -31.41 -16.62 -2.63
CA THR D 199 -31.17 -17.28 -1.38
C THR D 199 -31.83 -18.69 -1.44
N PRO D 200 -31.50 -19.61 -0.53
CA PRO D 200 -32.27 -20.92 -0.43
C PRO D 200 -33.76 -20.55 -0.45
N PRO D 201 -34.59 -21.30 -1.15
CA PRO D 201 -34.23 -22.54 -1.87
C PRO D 201 -33.65 -22.36 -3.29
N CYS D 202 -33.42 -21.13 -3.74
CA CYS D 202 -32.72 -20.90 -5.02
C CYS D 202 -33.46 -21.34 -6.29
N ASN D 203 -34.78 -21.36 -6.13
CA ASN D 203 -35.57 -21.96 -7.27
C ASN D 203 -35.32 -21.19 -8.55
N PRO D 204 -35.19 -21.80 -9.69
CA PRO D 204 -34.87 -21.11 -10.95
C PRO D 204 -36.09 -20.59 -11.69
N THR D 205 -36.89 -19.77 -11.00
CA THR D 205 -38.24 -19.45 -11.43
C THR D 205 -38.44 -17.94 -11.48
N VAL D 206 -37.35 -17.14 -11.48
CA VAL D 206 -37.49 -15.64 -11.44
C VAL D 206 -37.19 -15.02 -12.76
N LEU D 207 -38.11 -14.21 -13.27
CA LEU D 207 -37.76 -13.25 -14.38
C LEU D 207 -37.22 -11.94 -13.66
N TRP D 208 -35.93 -11.65 -13.85
CA TRP D 208 -35.31 -10.48 -13.26
C TRP D 208 -35.41 -9.27 -14.13
N THR D 209 -35.65 -8.13 -13.51
CA THR D 209 -35.55 -6.82 -14.19
C THR D 209 -34.67 -5.97 -13.30
N VAL D 210 -33.47 -5.62 -13.74
CA VAL D 210 -32.59 -4.78 -12.97
C VAL D 210 -32.56 -3.37 -13.62
N PHE D 211 -33.01 -2.36 -12.92
CA PHE D 211 -33.05 -1.06 -13.55
C PHE D 211 -31.64 -0.56 -13.87
N ARG D 212 -31.51 0.16 -15.01
CA ARG D 212 -30.18 0.64 -15.40
C ARG D 212 -29.61 1.68 -14.42
N ASN D 213 -30.48 2.56 -13.90
CA ASN D 213 -30.01 3.63 -13.02
C ASN D 213 -30.21 3.31 -11.56
N PRO D 214 -29.22 3.69 -10.73
CA PRO D 214 -29.33 3.52 -9.31
C PRO D 214 -30.13 4.68 -8.66
N VAL D 215 -30.54 4.46 -7.43
CA VAL D 215 -30.99 5.53 -6.52
C VAL D 215 -29.87 5.85 -5.53
N GLN D 216 -30.02 6.99 -4.87
CA GLN D 216 -29.07 7.33 -3.81
C GLN D 216 -29.71 7.35 -2.44
N ILE D 217 -28.95 6.90 -1.41
CA ILE D 217 -29.25 7.13 0.03
C ILE D 217 -28.03 7.75 0.72
N SER D 218 -28.23 8.44 1.86
CA SER D 218 -27.01 9.11 2.36
C SER D 218 -26.07 8.15 3.05
N GLN D 219 -24.85 8.61 3.34
CA GLN D 219 -23.88 7.82 4.13
C GLN D 219 -24.54 7.38 5.43
N GLU D 220 -25.26 8.27 6.10
CA GLU D 220 -25.89 7.92 7.36
C GLU D 220 -26.97 6.82 7.19
N GLN D 221 -27.76 6.90 6.11
CA GLN D 221 -28.82 5.92 5.99
C GLN D 221 -28.17 4.53 5.70
N LEU D 222 -27.10 4.54 4.89
CA LEU D 222 -26.44 3.28 4.50
C LEU D 222 -25.88 2.68 5.81
N LEU D 223 -25.17 3.49 6.63
CA LEU D 223 -24.58 2.93 7.85
C LEU D 223 -25.68 2.49 8.80
N ALA D 224 -26.84 3.22 8.87
CA ALA D 224 -27.92 2.76 9.74
C ALA D 224 -28.38 1.34 9.33
N LEU D 225 -28.55 1.18 7.97
CA LEU D 225 -29.08 -0.13 7.52
C LEU D 225 -28.06 -1.26 7.84
N GLU D 226 -26.76 -0.97 7.64
CA GLU D 226 -25.74 -1.96 7.93
C GLU D 226 -25.55 -2.27 9.38
N THR D 227 -26.06 -1.41 10.30
CA THR D 227 -25.82 -1.66 11.75
C THR D 227 -27.06 -1.94 12.57
N ALA D 228 -28.25 -1.85 11.97
CA ALA D 228 -29.49 -1.91 12.76
C ALA D 228 -29.82 -3.32 13.22
N LEU D 229 -29.48 -4.32 12.39
CA LEU D 229 -30.19 -5.62 12.51
C LEU D 229 -29.24 -6.80 12.82
N TYR D 230 -29.80 -7.84 13.41
CA TYR D 230 -29.13 -9.08 13.76
C TYR D 230 -29.90 -10.24 13.06
N CYS D 231 -29.15 -11.29 12.70
CA CYS D 231 -29.71 -12.48 12.11
C CYS D 231 -30.38 -13.45 13.08
N THR D 232 -30.13 -13.20 14.36
CA THR D 232 -30.39 -14.14 15.42
C THR D 232 -31.57 -13.67 16.32
N HIS D 233 -32.23 -14.63 17.00
CA HIS D 233 -33.27 -14.30 17.90
C HIS D 233 -32.74 -13.57 19.12
N MET D 234 -33.68 -12.89 19.81
CA MET D 234 -33.28 -12.07 20.90
C MET D 234 -32.78 -12.94 22.07
N ASP D 235 -33.02 -14.26 22.10
CA ASP D 235 -32.42 -15.11 23.13
C ASP D 235 -31.30 -16.03 22.66
N ASP D 236 -30.62 -15.69 21.55
CA ASP D 236 -29.61 -16.58 21.01
C ASP D 236 -28.32 -16.25 21.85
N PRO D 237 -27.68 -17.28 22.41
CA PRO D 237 -26.40 -17.05 23.08
C PRO D 237 -25.24 -16.66 22.16
N SER D 238 -25.37 -16.81 20.81
CA SER D 238 -24.27 -16.44 19.90
C SER D 238 -24.87 -15.47 18.82
N PRO D 239 -25.07 -14.20 19.22
CA PRO D 239 -25.63 -13.19 18.24
C PRO D 239 -24.80 -13.07 17.04
N ARG D 240 -25.48 -12.85 15.88
CA ARG D 240 -24.76 -12.61 14.60
C ARG D 240 -25.34 -11.31 13.97
N GLU D 241 -24.54 -10.30 13.70
CA GLU D 241 -24.98 -9.09 12.98
C GLU D 241 -25.39 -9.40 11.57
N MET D 242 -26.47 -8.72 11.12
CA MET D 242 -27.00 -8.90 9.75
C MET D 242 -26.23 -7.94 8.86
N ILE D 243 -25.11 -8.46 8.28
CA ILE D 243 -24.17 -7.84 7.35
C ILE D 243 -23.80 -8.83 6.21
N ASN D 244 -23.42 -8.24 5.09
CA ASN D 244 -22.95 -9.06 3.99
C ASN D 244 -23.99 -10.06 3.59
N ASN D 245 -25.28 -9.65 3.58
CA ASN D 245 -26.37 -10.56 3.22
C ASN D 245 -26.67 -10.49 1.74
N PHE D 246 -25.67 -10.72 0.91
CA PHE D 246 -25.78 -10.79 -0.53
C PHE D 246 -24.99 -12.02 -0.96
N ARG D 247 -25.48 -12.59 -2.11
CA ARG D 247 -24.80 -13.75 -2.68
C ARG D 247 -23.73 -13.33 -3.70
N GLN D 248 -22.61 -14.06 -3.73
CA GLN D 248 -21.60 -13.87 -4.79
C GLN D 248 -22.22 -14.06 -6.15
N VAL D 249 -21.73 -13.33 -7.17
CA VAL D 249 -22.24 -13.52 -8.55
C VAL D 249 -21.95 -14.92 -9.05
N GLN D 250 -22.84 -15.35 -9.94
CA GLN D 250 -22.77 -16.73 -10.45
C GLN D 250 -22.12 -16.76 -11.88
N LYS D 251 -21.62 -17.98 -12.26
CA LYS D 251 -21.32 -18.19 -13.66
C LYS D 251 -22.55 -17.96 -14.55
N PHE D 252 -22.37 -17.42 -15.77
CA PHE D 252 -23.45 -17.14 -16.70
C PHE D 252 -22.81 -17.30 -18.01
N ASP D 253 -22.93 -18.52 -18.52
CA ASP D 253 -22.14 -19.14 -19.63
C ASP D 253 -22.94 -19.52 -20.78
N GLU D 254 -22.57 -19.04 -21.95
CA GLU D 254 -23.46 -19.09 -23.15
C GLU D 254 -24.78 -18.39 -22.93
N ARG D 255 -25.05 -17.88 -21.74
CA ARG D 255 -26.35 -17.26 -21.76
C ARG D 255 -26.36 -15.74 -21.86
N LEU D 256 -27.53 -15.16 -22.20
N LEU D 256 -27.56 -15.20 -21.55
CA LEU D 256 -27.68 -13.75 -22.50
CA LEU D 256 -28.26 -14.14 -22.30
C LEU D 256 -28.68 -13.03 -21.53
C LEU D 256 -28.97 -13.00 -21.41
N VAL D 257 -28.34 -11.80 -21.35
CA VAL D 257 -29.08 -10.74 -20.63
C VAL D 257 -29.54 -9.75 -21.71
N TYR D 258 -30.80 -9.36 -21.65
CA TYR D 258 -31.37 -8.48 -22.70
C TYR D 258 -31.54 -7.10 -22.12
N THR D 259 -31.17 -6.08 -22.90
CA THR D 259 -31.31 -4.74 -22.46
C THR D 259 -32.44 -3.97 -23.26
N SER D 260 -33.19 -3.09 -22.57
CA SER D 260 -34.24 -2.28 -23.24
C SER D 260 -33.66 -1.03 -23.76
N PHE D 261 -32.36 -0.83 -23.65
CA PHE D 261 -31.67 0.34 -24.18
C PHE D 261 -30.54 -0.10 -25.10
N SER D 262 -30.40 0.59 -26.25
CA SER D 262 -29.27 0.28 -27.17
C SER D 262 -28.03 1.07 -26.87
N GLN D 263 -28.15 2.13 -26.05
CA GLN D 263 -27.02 2.92 -25.67
C GLN D 263 -27.33 3.71 -24.41
ZN ZN E . 32.38 6.81 4.10
F13 V50 F . 32.49 3.31 5.23
F13 V50 F . 35.17 3.50 6.32
C4 V50 F . 33.34 3.24 6.23
C4 V50 F . 34.06 3.03 6.84
C5 V50 F . 33.53 4.31 7.17
C5 V50 F . 32.92 3.87 7.11
S7 V50 F . 32.86 5.95 7.05
S7 V50 F . 32.77 5.62 6.82
O9 V50 F . 34.01 6.72 6.63
O9 V50 F . 34.03 6.07 6.44
N23 V50 F . 31.76 5.98 5.91
N23 V50 F . 31.59 5.89 5.75
O8 V50 F . 32.19 6.16 8.32
O8 V50 F . 32.18 6.13 8.07
C6 V50 F . 34.52 4.16 8.19
C6 V50 F . 31.90 3.12 7.63
F11 V50 F . 34.69 5.12 9.12
F11 V50 F . 30.72 3.69 7.94
C1 V50 F . 35.23 2.95 8.34
C1 V50 F . 31.92 1.76 7.96
F10 V50 F . 36.07 2.79 9.35
F10 V50 F . 30.86 1.18 8.55
C3 V50 F . 34.13 2.12 6.38
C3 V50 F . 34.09 1.65 7.07
F12 V50 F . 33.95 1.23 5.42
F12 V50 F . 35.21 0.91 6.80
C2 V50 F . 35.10 1.96 7.38
C2 V50 F . 33.05 0.99 7.70
S14 V50 F . 36.12 0.56 7.32
S14 V50 F . 33.05 -0.75 8.07
C15 V50 F . 35.91 -0.34 8.78
C15 V50 F . 34.39 -1.03 9.18
N20 V50 F . 34.90 -0.14 9.62
N20 V50 F . 35.18 0.00 9.53
C19 V50 F . 34.89 -0.96 10.70
C19 V50 F . 36.19 -0.32 10.37
C21 V50 F . 33.68 -0.72 11.59
C21 V50 F . 37.07 0.85 10.73
C18 V50 F . 35.84 -1.92 11.01
C18 V50 F . 36.44 -1.55 10.93
C17 V50 F . 36.87 -1.97 10.04
C17 V50 F . 35.53 -2.49 10.50
N16 V50 F . 36.94 -1.20 8.92
N16 V50 F . 34.50 -2.27 9.64
C22 V50 F . 38.04 -2.95 10.19
C22 V50 F . 35.77 -3.90 11.02
C1 PEG G . 34.99 -2.72 2.42
O1 PEG G . 34.60 -4.13 2.25
C2 PEG G . 34.97 -1.84 3.71
O2 PEG G . 33.94 -2.29 4.62
C3 PEG G . 32.62 -1.92 4.21
C4 PEG G . 31.60 -1.79 5.36
O4 PEG G . 31.02 -0.44 5.38
C1 EDO H . 33.29 1.11 1.34
C1 EDO H . 31.99 0.90 2.52
O1 EDO H . 34.24 0.86 2.30
O1 EDO H . 31.60 -0.43 2.63
C2 EDO H . 31.89 0.74 1.88
C2 EDO H . 30.80 1.82 2.55
O2 EDO H . 31.21 1.95 1.93
O2 EDO H . 31.26 3.05 2.06
C1 EDO I . 45.02 18.45 16.94
O1 EDO I . 44.58 19.80 17.14
C2 EDO I . 44.97 18.10 15.48
O2 EDO I . 43.62 18.11 14.99
C1 EDO J . 36.71 17.83 20.27
O1 EDO J . 36.03 17.04 19.32
C2 EDO J . 37.76 18.78 19.68
O2 EDO J . 37.62 20.18 20.02
ZN ZN K . 2.77 16.90 11.85
F13 V50 L . 2.63 11.79 11.49
C4 V50 L . 1.40 11.92 11.96
C5 V50 L . 0.71 13.17 11.77
S7 V50 L . 1.55 14.38 10.63
O9 V50 L . 0.59 15.38 10.37
N23 V50 L . 2.84 14.96 11.39
O8 V50 L . 1.94 13.58 9.48
C6 V50 L . -0.57 13.28 12.35
F11 V50 L . -1.24 14.37 12.22
C1 V50 L . -1.06 12.18 13.11
F10 V50 L . -2.25 12.45 13.72
C3 V50 L . 0.85 10.86 12.65
F12 V50 L . 1.44 9.68 12.73
C2 V50 L . -0.40 11.01 13.24
S14 V50 L . -1.09 9.66 14.16
C15 V50 L . -2.75 9.38 13.52
N20 V50 L . -3.20 10.13 12.57
C19 V50 L . -4.52 9.90 12.18
C21 V50 L . -5.07 10.84 11.13
C18 V50 L . -5.30 8.91 12.79
C17 V50 L . -4.65 8.20 13.74
N16 V50 L . -3.38 8.36 14.18
C22 V50 L . -5.25 7.00 14.45
C1 PEG M . -8.24 26.99 30.40
O1 PEG M . -7.41 26.94 31.56
C2 PEG M . -9.71 26.54 30.62
O2 PEG M . -10.75 27.26 29.93
C3 PEG M . -12.00 26.66 29.40
C4 PEG M . -12.37 27.45 28.12
O4 PEG M . -11.32 28.19 27.46
C1 EDO N . 1.87 14.97 15.87
O1 EDO N . 2.11 14.27 17.07
C2 EDO N . 0.66 14.26 15.26
O2 EDO N . -0.49 14.71 15.99
C1 EDO O . -3.43 12.62 17.92
O1 EDO O . -2.86 12.45 19.20
C2 EDO O . -2.78 11.70 16.97
O2 EDO O . -1.46 12.17 16.92
C1 EDO P . -11.15 14.99 16.29
O1 EDO P . -11.40 16.34 16.01
C2 EDO P . -12.03 14.01 15.47
O2 EDO P . -11.83 14.14 14.01
C1 EDO Q . -14.60 11.75 -4.04
O1 EDO Q . -15.71 12.60 -4.23
C2 EDO Q . -14.92 10.31 -3.81
O2 EDO Q . -13.69 9.65 -3.97
C1 EDO R . -18.60 22.87 21.45
O1 EDO R . -18.50 24.21 21.81
C2 EDO R . -18.76 22.75 19.96
O2 EDO R . -17.48 22.97 19.38
ZN ZN S . -4.68 -22.93 -9.95
F13 V50 T . -6.71 -25.80 -6.26
C4 V50 T . -5.56 -26.53 -6.47
C5 V50 T . -4.39 -25.88 -6.97
S7 V50 T . -4.42 -24.04 -7.13
O9 V50 T . -3.04 -23.66 -7.50
N23 V50 T . -5.45 -23.81 -8.30
O8 V50 T . -4.95 -23.56 -5.85
C6 V50 T . -3.36 -26.83 -7.20
F11 V50 T . -2.24 -26.34 -7.64
C1 V50 T . -3.42 -28.17 -6.92
F10 V50 T . -2.34 -28.96 -7.21
C3 V50 T . -5.66 -27.90 -6.15
F12 V50 T . -6.79 -28.40 -5.57
C2 V50 T . -4.56 -28.74 -6.39
S14 V50 T . -4.77 -30.50 -6.08
C15 V50 T . -3.38 -30.88 -5.08
N20 V50 T . -2.54 -29.97 -4.68
C19 V50 T . -1.47 -30.43 -3.95
C21 V50 T . -0.50 -29.34 -3.57
C18 V50 T . -1.25 -31.76 -3.63
C17 V50 T . -2.23 -32.58 -4.12
N16 V50 T . -3.30 -32.20 -4.81
C22 V50 T . -2.16 -34.11 -3.78
C1 EDO U . -4.70 -27.65 -10.24
O1 EDO U . -3.58 -28.48 -10.51
C2 EDO U . -5.55 -27.55 -11.51
O2 EDO U . -6.00 -28.87 -11.83
ZN ZN V . -33.43 -10.40 -2.58
F13 V50 W . -37.68 -12.56 -2.28
C4 V50 W . -37.02 -13.75 -2.12
C5 V50 W . -35.75 -13.94 -2.65
S7 V50 W . -34.83 -12.85 -3.76
O9 V50 W . -35.74 -11.74 -4.00
N23 V50 W . -33.60 -12.36 -2.92
O8 V50 W . -34.45 -13.70 -4.89
C6 V50 W . -35.15 -15.19 -2.35
F11 V50 W . -33.94 -15.54 -2.80
C1 V50 W . -35.86 -16.21 -1.72
F10 V50 W . -35.31 -17.42 -1.52
C3 V50 W . -37.66 -14.71 -1.38
F12 V50 W . -38.83 -14.42 -0.82
C2 V50 W . -37.06 -15.98 -1.12
S14 V50 W . -37.88 -17.28 -0.18
C15 V50 W . -39.51 -17.40 -0.83
N20 V50 W . -39.93 -16.66 -1.86
C19 V50 W . -41.25 -16.82 -2.26
C21 V50 W . -41.70 -16.02 -3.40
C18 V50 W . -42.13 -17.61 -1.58
C17 V50 W . -41.57 -18.30 -0.51
N16 V50 W . -40.28 -18.21 -0.09
C22 V50 W . -42.40 -19.30 0.27
C1 PEG X . -26.23 5.26 11.43
O1 PEG X . -26.36 6.48 10.70
C2 PEG X . -26.78 5.30 12.86
O2 PEG X . -27.58 4.14 13.25
C3 PEG X . -29.04 4.18 13.53
C4 PEG X . -29.34 3.33 14.80
O4 PEG X . -29.21 3.90 16.15
C1 EDO Y . -34.43 -12.13 1.68
O1 EDO Y . -34.37 -13.04 2.79
C2 EDO Y . -35.60 -12.62 0.81
O2 EDO Y . -36.85 -12.41 1.50
C1 EDO Z . -39.75 -14.82 3.16
C1 EDO Z . -38.80 -14.55 3.35
O1 EDO Z . -38.61 -14.76 2.31
O1 EDO Z . -37.60 -14.69 2.63
C2 EDO Z . -39.24 -14.30 4.52
C2 EDO Z . -39.57 -15.85 3.37
O2 EDO Z . -39.46 -15.09 5.59
O2 EDO Z . -40.51 -15.86 2.34
C1 EDO AA . -40.38 4.87 14.63
O1 EDO AA . -39.83 4.63 15.89
C2 EDO AA . -40.49 3.51 14.09
O2 EDO AA . -41.64 3.31 13.49
#